data_1P9D
#
_entry.id   1P9D
#
loop_
_entity.id
_entity.type
_entity.pdbx_description
1 polymer '26S proteasome non-ATPase regulatory subunit 4'
2 polymer 'UV excision repair protein RAD23 homolog A'
#
loop_
_entity_poly.entity_id
_entity_poly.type
_entity_poly.pdbx_seq_one_letter_code
_entity_poly.pdbx_strand_id
1 'polypeptide(L)' MTISQQEFGRTGLPDLSSMTEEEQIAYAMQMSLQGAEFGQAESAD S
2 'polypeptide(L)' MAVTITLKTLQQQTFKIRMEPDETVKVLKEKIEAEKGRDAFPVAGQKLIYAGKILSDDVPIRDYRIDEKNFVVVMVTK U
#
# COMPACT_ATOMS: atom_id res chain seq x y z
N PHE A 8 11.72 -1.32 -18.97
CA PHE A 8 10.85 -0.20 -19.30
C PHE A 8 10.69 0.73 -18.09
N GLY A 9 10.12 0.21 -17.02
CA GLY A 9 9.92 1.00 -15.82
C GLY A 9 10.80 0.55 -14.67
N ARG A 10 12.00 0.10 -14.99
CA ARG A 10 12.94 -0.37 -13.98
C ARG A 10 13.38 0.77 -13.07
N THR A 11 13.03 1.99 -13.45
CA THR A 11 13.39 3.17 -12.67
C THR A 11 12.37 3.43 -11.56
N GLY A 12 12.00 2.36 -10.86
CA GLY A 12 11.04 2.48 -9.77
C GLY A 12 9.71 3.03 -10.24
N LEU A 13 9.13 2.40 -11.26
CA LEU A 13 7.84 2.82 -11.80
C LEU A 13 7.15 1.68 -12.53
N PRO A 14 6.14 1.08 -11.90
CA PRO A 14 5.39 -0.02 -12.48
C PRO A 14 4.33 0.44 -13.48
N ASP A 15 3.21 0.92 -12.95
CA ASP A 15 2.10 1.38 -13.77
C ASP A 15 1.21 0.21 -14.16
N LEU A 16 1.74 -1.01 -13.98
CA LEU A 16 1.01 -2.21 -14.30
C LEU A 16 0.60 -2.20 -15.76
N SER A 17 1.29 -1.39 -16.55
CA SER A 17 0.99 -1.30 -17.97
C SER A 17 -0.52 -1.32 -18.19
N SER A 18 -1.25 -0.78 -17.22
CA SER A 18 -2.72 -0.72 -17.30
C SER A 18 -3.40 -1.95 -16.70
N MET A 19 -2.77 -2.57 -15.69
CA MET A 19 -3.37 -3.73 -15.01
C MET A 19 -3.84 -3.29 -13.63
N THR A 20 -3.13 -2.27 -13.15
CA THR A 20 -3.39 -1.59 -11.88
C THR A 20 -4.34 -2.30 -10.94
N GLU A 21 -5.61 -2.33 -11.29
CA GLU A 21 -6.61 -2.92 -10.43
C GLU A 21 -6.31 -4.39 -10.16
N GLU A 22 -6.25 -5.18 -11.22
CA GLU A 22 -6.02 -6.61 -11.10
C GLU A 22 -4.56 -6.93 -10.75
N GLU A 23 -3.65 -6.08 -11.17
CA GLU A 23 -2.23 -6.30 -10.91
C GLU A 23 -1.83 -5.80 -9.54
N GLN A 24 -2.58 -4.85 -9.03
CA GLN A 24 -2.30 -4.30 -7.71
C GLN A 24 -3.13 -4.99 -6.67
N ILE A 25 -4.16 -5.72 -7.11
CA ILE A 25 -5.00 -6.47 -6.20
C ILE A 25 -4.44 -7.87 -6.08
N ALA A 26 -3.85 -8.30 -7.18
CA ALA A 26 -3.22 -9.60 -7.28
C ALA A 26 -1.86 -9.53 -6.58
N TYR A 27 -1.11 -8.49 -6.93
CA TYR A 27 0.19 -8.25 -6.34
C TYR A 27 0.03 -7.86 -4.88
N ALA A 28 -0.95 -6.99 -4.62
CA ALA A 28 -1.21 -6.54 -3.26
C ALA A 28 -1.45 -7.69 -2.34
N MET A 29 -2.38 -8.57 -2.70
CA MET A 29 -2.69 -9.71 -1.83
C MET A 29 -1.46 -10.57 -1.59
N GLN A 30 -0.81 -10.98 -2.67
CA GLN A 30 0.38 -11.84 -2.58
C GLN A 30 1.37 -11.34 -1.51
N MET A 31 1.57 -10.02 -1.45
CA MET A 31 2.51 -9.45 -0.48
C MET A 31 1.80 -8.86 0.71
N SER A 32 0.48 -8.81 0.65
CA SER A 32 -0.33 -8.29 1.74
C SER A 32 -0.25 -9.26 2.88
N LEU A 33 -0.05 -10.51 2.52
CA LEU A 33 0.09 -11.56 3.51
C LEU A 33 1.54 -11.67 3.97
N GLN A 34 2.23 -10.53 4.03
CA GLN A 34 3.63 -10.52 4.45
C GLN A 34 3.89 -11.58 5.53
N GLY A 35 2.87 -11.85 6.33
CA GLY A 35 3.00 -12.84 7.39
C GLY A 35 1.73 -12.99 8.20
N ALA A 36 0.81 -13.80 7.71
CA ALA A 36 -0.46 -14.02 8.40
C ALA A 36 -1.06 -15.37 8.03
N GLU A 37 -0.20 -16.36 7.82
CA GLU A 37 -0.66 -17.70 7.45
C GLU A 37 0.43 -18.73 7.71
N PHE A 38 1.19 -18.54 8.79
CA PHE A 38 2.26 -19.45 9.16
C PHE A 38 2.99 -19.95 7.91
N GLY A 39 3.64 -19.03 7.20
CA GLY A 39 4.37 -19.40 6.01
C GLY A 39 4.53 -18.23 5.04
N MET B 1 5.79 15.86 12.73
CA MET B 1 5.21 15.37 14.01
C MET B 1 4.43 14.06 13.79
N ALA B 2 5.01 13.16 13.01
CA ALA B 2 4.36 11.88 12.73
C ALA B 2 5.39 10.75 12.70
N VAL B 3 4.91 9.51 12.63
CA VAL B 3 5.77 8.35 12.58
C VAL B 3 6.11 7.97 11.15
N THR B 4 6.82 6.87 10.97
CA THR B 4 7.20 6.40 9.64
C THR B 4 6.48 5.10 9.28
N ILE B 5 5.29 5.18 8.67
CA ILE B 5 4.57 3.97 8.28
C ILE B 5 5.47 3.09 7.40
N THR B 6 5.07 1.82 7.24
CA THR B 6 5.82 0.88 6.40
C THR B 6 4.84 0.11 5.51
N LEU B 7 5.07 0.11 4.20
CA LEU B 7 4.15 -0.57 3.27
C LEU B 7 4.88 -1.42 2.23
N LYS B 8 4.09 -2.19 1.49
CA LYS B 8 4.61 -3.05 0.43
C LYS B 8 3.91 -2.73 -0.88
N THR B 9 4.62 -2.07 -1.77
CA THR B 9 4.04 -1.68 -3.07
C THR B 9 4.01 -2.88 -4.04
N LEU B 10 2.85 -3.57 -4.19
CA LEU B 10 2.70 -4.74 -5.08
C LEU B 10 3.92 -5.03 -5.97
N GLN B 11 4.49 -4.00 -6.60
CA GLN B 11 5.67 -4.18 -7.46
C GLN B 11 6.83 -4.87 -6.73
N GLN B 12 6.71 -5.13 -5.41
CA GLN B 12 7.78 -5.78 -4.64
C GLN B 12 8.65 -4.73 -3.92
N GLN B 13 8.39 -3.42 -4.15
CA GLN B 13 9.19 -2.39 -3.49
C GLN B 13 8.78 -2.20 -2.04
N THR B 14 9.60 -2.71 -1.12
CA THR B 14 9.32 -2.57 0.30
C THR B 14 9.87 -1.24 0.80
N PHE B 15 8.98 -0.37 1.24
CA PHE B 15 9.40 0.94 1.72
C PHE B 15 8.54 1.40 2.89
N LYS B 16 8.55 2.70 3.16
CA LYS B 16 7.77 3.25 4.27
C LYS B 16 7.31 4.68 3.95
N ILE B 17 6.22 5.15 4.58
CA ILE B 17 5.75 6.50 4.32
C ILE B 17 5.81 7.34 5.59
N ARG B 18 5.69 8.66 5.46
CA ARG B 18 5.77 9.54 6.62
C ARG B 18 4.42 10.16 6.98
N MET B 19 3.46 9.35 7.39
CA MET B 19 2.17 9.88 7.81
C MET B 19 1.93 9.57 9.28
N GLU B 20 0.91 10.19 9.86
CA GLU B 20 0.58 9.98 11.26
C GLU B 20 -0.28 8.73 11.46
N PRO B 21 0.04 7.92 12.48
CA PRO B 21 -0.70 6.70 12.77
C PRO B 21 -2.17 6.97 13.03
N ASP B 22 -2.48 8.18 13.47
CA ASP B 22 -3.85 8.58 13.76
C ASP B 22 -4.61 8.94 12.49
N GLU B 23 -3.89 9.42 11.47
CA GLU B 23 -4.53 9.80 10.21
C GLU B 23 -5.45 8.66 9.74
N THR B 24 -6.19 8.91 8.67
CA THR B 24 -7.13 7.92 8.14
C THR B 24 -6.55 7.17 6.94
N VAL B 25 -5.25 6.96 6.95
CA VAL B 25 -4.57 6.26 5.86
C VAL B 25 -4.78 6.96 4.50
N LYS B 26 -5.63 8.00 4.43
CA LYS B 26 -5.85 8.71 3.17
C LYS B 26 -4.68 9.65 2.87
N VAL B 27 -4.23 10.38 3.90
CA VAL B 27 -3.10 11.28 3.75
C VAL B 27 -1.93 10.48 3.18
N LEU B 28 -1.86 9.24 3.63
CA LEU B 28 -0.84 8.33 3.18
C LEU B 28 -0.99 8.11 1.69
N LYS B 29 -2.23 7.93 1.27
CA LYS B 29 -2.52 7.70 -0.12
C LYS B 29 -2.01 8.87 -0.96
N GLU B 30 -2.01 10.04 -0.35
CA GLU B 30 -1.51 11.23 -1.00
C GLU B 30 -0.01 11.09 -1.25
N LYS B 31 0.72 10.61 -0.23
CA LYS B 31 2.16 10.44 -0.36
C LYS B 31 2.54 9.29 -1.31
N ILE B 32 2.06 8.10 -0.97
CA ILE B 32 2.34 6.89 -1.76
C ILE B 32 1.89 7.08 -3.20
N GLU B 33 0.78 7.77 -3.38
CA GLU B 33 0.26 8.02 -4.71
C GLU B 33 1.21 8.94 -5.46
N ALA B 34 1.80 9.88 -4.72
CA ALA B 34 2.74 10.83 -5.30
C ALA B 34 4.08 10.17 -5.60
N GLU B 35 4.36 9.08 -4.88
CA GLU B 35 5.62 8.35 -5.03
C GLU B 35 5.55 7.33 -6.17
N LYS B 36 4.41 6.66 -6.32
CA LYS B 36 4.24 5.65 -7.34
C LYS B 36 3.55 6.21 -8.58
N GLY B 37 2.35 6.77 -8.40
CA GLY B 37 1.63 7.32 -9.53
C GLY B 37 0.18 7.62 -9.20
N ARG B 38 -0.34 8.68 -9.80
CA ARG B 38 -1.73 9.08 -9.58
C ARG B 38 -2.66 8.21 -10.41
N ASP B 39 -2.08 7.26 -11.13
CA ASP B 39 -2.86 6.34 -11.96
C ASP B 39 -2.85 4.97 -11.32
N ALA B 40 -1.68 4.58 -10.83
CA ALA B 40 -1.52 3.29 -10.18
C ALA B 40 -1.71 3.38 -8.65
N PHE B 41 -1.92 4.59 -8.10
CA PHE B 41 -2.12 4.76 -6.64
C PHE B 41 -3.02 5.96 -6.32
N PRO B 42 -4.04 6.23 -7.15
CA PRO B 42 -4.93 7.36 -6.92
C PRO B 42 -5.69 7.22 -5.61
N VAL B 43 -5.41 8.15 -4.68
CA VAL B 43 -6.05 8.13 -3.35
C VAL B 43 -7.42 7.49 -3.39
N ALA B 44 -8.16 7.74 -4.46
CA ALA B 44 -9.50 7.17 -4.60
C ALA B 44 -9.44 5.65 -4.42
N GLY B 45 -8.73 4.99 -5.32
CA GLY B 45 -8.57 3.54 -5.26
C GLY B 45 -7.52 3.12 -4.27
N GLN B 46 -6.97 4.09 -3.54
CA GLN B 46 -5.93 3.78 -2.57
C GLN B 46 -6.48 3.01 -1.37
N LYS B 47 -5.88 1.85 -1.14
CA LYS B 47 -6.23 0.97 -0.05
C LYS B 47 -4.98 0.25 0.43
N LEU B 48 -5.00 -0.26 1.65
CA LEU B 48 -3.84 -0.95 2.21
C LEU B 48 -4.22 -2.29 2.82
N ILE B 49 -3.23 -3.13 3.08
CA ILE B 49 -3.50 -4.45 3.66
C ILE B 49 -2.63 -4.73 4.86
N TYR B 50 -3.26 -4.86 6.02
CA TYR B 50 -2.51 -5.16 7.22
C TYR B 50 -3.02 -6.44 7.85
N ALA B 51 -2.29 -7.52 7.65
CA ALA B 51 -2.68 -8.81 8.21
C ALA B 51 -3.93 -9.33 7.51
N GLY B 52 -4.05 -9.02 6.23
CA GLY B 52 -5.19 -9.45 5.46
C GLY B 52 -6.38 -8.52 5.65
N LYS B 53 -6.20 -7.51 6.51
CA LYS B 53 -7.23 -6.54 6.79
C LYS B 53 -7.14 -5.32 5.86
N ILE B 54 -7.85 -5.32 4.71
CA ILE B 54 -7.80 -4.16 3.83
C ILE B 54 -8.10 -2.89 4.64
N LEU B 55 -7.66 -1.74 4.14
CA LEU B 55 -7.90 -0.48 4.82
C LEU B 55 -8.20 0.62 3.80
N SER B 56 -9.48 0.90 3.62
CA SER B 56 -9.91 1.92 2.68
C SER B 56 -9.27 3.27 3.07
N ASP B 57 -8.80 4.08 2.10
CA ASP B 57 -8.17 5.35 2.45
C ASP B 57 -8.99 6.17 3.46
N ASP B 58 -10.26 5.87 3.66
CA ASP B 58 -11.08 6.64 4.59
C ASP B 58 -11.20 5.99 5.97
N VAL B 59 -10.22 5.16 6.32
CA VAL B 59 -10.19 4.49 7.63
C VAL B 59 -8.92 4.88 8.35
N PRO B 60 -8.77 4.59 9.65
CA PRO B 60 -7.57 4.95 10.41
C PRO B 60 -6.45 3.93 10.25
N ILE B 61 -5.28 4.39 9.82
CA ILE B 61 -4.14 3.48 9.64
C ILE B 61 -3.81 2.82 10.98
N ARG B 62 -3.99 3.59 12.06
CA ARG B 62 -3.73 3.10 13.41
C ARG B 62 -4.70 1.99 13.77
N ASP B 63 -5.88 2.03 13.17
CA ASP B 63 -6.90 1.01 13.43
C ASP B 63 -6.37 -0.35 12.97
N TYR B 64 -5.36 -0.33 12.10
CA TYR B 64 -4.78 -1.57 11.59
C TYR B 64 -3.38 -1.78 12.14
N ARG B 65 -3.10 -1.21 13.32
CA ARG B 65 -1.80 -1.35 13.96
C ARG B 65 -0.67 -1.52 12.95
N ILE B 66 -0.47 -0.52 12.10
CA ILE B 66 0.58 -0.55 11.09
C ILE B 66 1.89 -0.02 11.67
N ASP B 67 2.74 -0.95 12.13
CA ASP B 67 4.02 -0.61 12.73
C ASP B 67 5.12 -0.53 11.67
N GLU B 68 6.24 0.11 12.02
CA GLU B 68 7.35 0.23 11.10
C GLU B 68 7.98 -1.13 10.83
N LYS B 69 8.08 -1.95 11.88
CA LYS B 69 8.66 -3.28 11.75
C LYS B 69 7.86 -4.13 10.76
N ASN B 70 6.56 -3.84 10.65
CA ASN B 70 5.69 -4.55 9.73
C ASN B 70 5.21 -3.60 8.65
N PHE B 71 4.60 -4.12 7.59
CA PHE B 71 4.11 -3.25 6.53
C PHE B 71 2.73 -3.64 6.04
N VAL B 72 2.11 -2.68 5.37
CA VAL B 72 0.80 -2.84 4.80
C VAL B 72 0.87 -2.66 3.28
N VAL B 73 0.49 -3.67 2.53
CA VAL B 73 0.53 -3.58 1.09
C VAL B 73 -0.41 -2.48 0.59
N VAL B 74 0.12 -1.61 -0.24
CA VAL B 74 -0.65 -0.50 -0.80
C VAL B 74 -1.31 -0.93 -2.13
N MET B 75 -2.55 -1.37 -2.07
CA MET B 75 -3.29 -1.81 -3.25
C MET B 75 -4.18 -0.69 -3.81
N VAL B 76 -4.17 -0.51 -5.12
CA VAL B 76 -4.99 0.52 -5.74
C VAL B 76 -5.52 0.09 -7.11
N THR B 77 -6.56 0.76 -7.57
CA THR B 77 -7.18 0.47 -8.86
C THR B 77 -7.63 1.75 -9.54
N LYS B 78 -7.53 1.79 -10.86
CA LYS B 78 -7.94 2.96 -11.63
C LYS B 78 -9.43 2.93 -11.95
N PHE A 8 16.29 -1.31 -18.40
CA PHE A 8 17.21 -1.78 -17.37
C PHE A 8 16.47 -2.11 -16.08
N GLY A 9 15.19 -1.76 -16.03
CA GLY A 9 14.40 -2.03 -14.84
C GLY A 9 12.96 -1.54 -14.98
N ARG A 10 12.45 -1.59 -16.20
CA ARG A 10 11.09 -1.15 -16.48
C ARG A 10 10.88 0.31 -16.07
N THR A 11 11.66 1.20 -16.66
CA THR A 11 11.57 2.62 -16.36
C THR A 11 11.69 2.86 -14.86
N GLY A 12 12.43 2.00 -14.18
CA GLY A 12 12.61 2.14 -12.76
C GLY A 12 11.30 2.21 -12.01
N LEU A 13 10.34 1.40 -12.45
CA LEU A 13 9.02 1.37 -11.82
C LEU A 13 8.36 0.02 -12.06
N PRO A 14 7.45 -0.38 -11.16
CA PRO A 14 6.73 -1.64 -11.27
C PRO A 14 5.77 -1.65 -12.44
N ASP A 15 4.99 -0.58 -12.54
CA ASP A 15 4.00 -0.42 -13.60
C ASP A 15 3.59 -1.74 -14.21
N LEU A 16 2.60 -2.39 -13.59
CA LEU A 16 2.12 -3.67 -14.09
C LEU A 16 1.75 -3.53 -15.56
N SER A 17 1.44 -2.29 -15.96
CA SER A 17 1.07 -1.95 -17.33
C SER A 17 -0.44 -1.71 -17.44
N SER A 18 -1.04 -1.12 -16.39
CA SER A 18 -2.47 -0.82 -16.40
C SER A 18 -3.34 -1.98 -15.89
N MET A 19 -2.71 -3.00 -15.28
CA MET A 19 -3.45 -4.13 -14.73
C MET A 19 -4.35 -3.63 -13.60
N THR A 20 -4.06 -2.42 -13.20
CA THR A 20 -4.78 -1.70 -12.15
C THR A 20 -5.39 -2.65 -11.10
N GLU A 21 -6.69 -2.51 -10.85
CA GLU A 21 -7.41 -3.30 -9.85
C GLU A 21 -6.83 -4.70 -9.62
N GLU A 22 -6.95 -5.56 -10.62
CA GLU A 22 -6.50 -6.94 -10.52
C GLU A 22 -5.02 -7.03 -10.21
N GLU A 23 -4.28 -6.05 -10.69
CA GLU A 23 -2.83 -6.01 -10.48
C GLU A 23 -2.47 -5.69 -9.04
N GLN A 24 -3.15 -4.72 -8.50
CA GLN A 24 -2.91 -4.26 -7.15
C GLN A 24 -3.65 -5.09 -6.15
N ILE A 25 -4.61 -5.87 -6.60
CA ILE A 25 -5.38 -6.70 -5.71
C ILE A 25 -4.78 -8.08 -5.66
N ALA A 26 -4.26 -8.48 -6.81
CA ALA A 26 -3.61 -9.75 -6.98
C ALA A 26 -2.26 -9.70 -6.31
N TYR A 27 -1.56 -8.63 -6.61
CA TYR A 27 -0.24 -8.41 -6.05
C TYR A 27 -0.35 -8.02 -4.60
N ALA A 28 -1.32 -7.14 -4.28
CA ALA A 28 -1.50 -6.72 -2.91
C ALA A 28 -1.74 -7.89 -2.00
N MET A 29 -2.52 -8.85 -2.45
CA MET A 29 -2.80 -10.01 -1.62
C MET A 29 -1.52 -10.83 -1.40
N GLN A 30 -0.85 -11.15 -2.50
CA GLN A 30 0.39 -11.92 -2.44
C GLN A 30 1.32 -11.39 -1.35
N MET A 31 1.61 -10.10 -1.40
CA MET A 31 2.50 -9.46 -0.43
C MET A 31 1.72 -8.92 0.76
N SER A 32 0.41 -9.00 0.67
CA SER A 32 -0.45 -8.53 1.75
C SER A 32 -0.18 -9.39 2.94
N LEU A 33 0.14 -10.63 2.63
CA LEU A 33 0.44 -11.61 3.67
C LEU A 33 1.90 -11.51 4.10
N GLN A 34 2.53 -10.35 3.85
CA GLN A 34 3.92 -10.17 4.23
C GLN A 34 4.04 -9.15 5.37
N GLY A 35 2.97 -9.05 6.16
CA GLY A 35 2.96 -8.13 7.27
C GLY A 35 2.14 -8.64 8.43
N ALA A 36 1.97 -9.95 8.51
CA ALA A 36 1.19 -10.57 9.58
C ALA A 36 2.11 -11.23 10.60
N GLU A 37 3.35 -11.48 10.19
CA GLU A 37 4.32 -12.13 11.07
C GLU A 37 4.05 -13.62 11.18
N PHE A 38 3.27 -14.14 10.25
CA PHE A 38 2.93 -15.56 10.24
C PHE A 38 1.86 -15.87 11.28
N GLY A 39 2.27 -15.93 12.54
CA GLY A 39 1.33 -16.22 13.62
C GLY A 39 0.39 -15.07 13.89
N MET B 1 4.91 15.01 14.57
CA MET B 1 4.95 13.88 15.53
C MET B 1 4.16 12.68 15.01
N ALA B 2 4.81 11.89 14.15
CA ALA B 2 4.17 10.70 13.59
C ALA B 2 5.19 9.60 13.32
N VAL B 3 4.70 8.43 12.93
CA VAL B 3 5.57 7.30 12.64
C VAL B 3 5.87 7.21 11.14
N THR B 4 6.64 6.21 10.75
CA THR B 4 7.00 6.01 9.36
C THR B 4 6.40 4.71 8.79
N ILE B 5 5.18 4.76 8.22
CA ILE B 5 4.57 3.56 7.67
C ILE B 5 5.55 2.87 6.69
N THR B 6 5.31 1.58 6.42
CA THR B 6 6.15 0.82 5.48
C THR B 6 5.23 -0.02 4.59
N LEU B 7 5.30 0.17 3.28
CA LEU B 7 4.40 -0.56 2.39
C LEU B 7 5.11 -1.41 1.33
N LYS B 8 4.32 -2.29 0.68
CA LYS B 8 4.81 -3.15 -0.40
C LYS B 8 3.94 -2.92 -1.65
N THR B 9 4.53 -2.30 -2.68
CA THR B 9 3.78 -1.94 -3.89
C THR B 9 3.64 -3.01 -4.96
N LEU B 10 3.26 -4.22 -4.58
CA LEU B 10 3.03 -5.29 -5.56
C LEU B 10 4.32 -5.86 -6.16
N GLN B 11 5.37 -5.04 -6.29
CA GLN B 11 6.63 -5.49 -6.87
C GLN B 11 7.65 -5.85 -5.77
N GLN B 12 7.25 -5.77 -4.47
CA GLN B 12 8.17 -6.05 -3.38
C GLN B 12 8.78 -4.75 -2.86
N GLN B 13 8.55 -3.63 -3.58
CA GLN B 13 9.09 -2.36 -3.15
C GLN B 13 8.62 -2.06 -1.74
N THR B 14 9.50 -2.32 -0.78
CA THR B 14 9.20 -2.09 0.61
C THR B 14 9.68 -0.72 1.04
N PHE B 15 8.84 0.29 0.85
CA PHE B 15 9.20 1.65 1.22
C PHE B 15 8.48 2.04 2.50
N LYS B 16 8.46 3.32 2.81
CA LYS B 16 7.80 3.78 4.02
C LYS B 16 7.33 5.23 3.88
N ILE B 17 6.20 5.60 4.50
CA ILE B 17 5.72 6.96 4.39
C ILE B 17 5.70 7.63 5.75
N ARG B 18 5.62 8.97 5.77
CA ARG B 18 5.63 9.70 7.03
C ARG B 18 4.28 10.33 7.35
N MET B 19 3.29 9.50 7.62
CA MET B 19 1.97 10.01 7.99
C MET B 19 1.69 9.72 9.46
N GLU B 20 0.57 10.22 9.96
CA GLU B 20 0.20 10.00 11.35
C GLU B 20 -0.43 8.63 11.53
N PRO B 21 0.02 7.87 12.54
CA PRO B 21 -0.50 6.54 12.82
C PRO B 21 -2.01 6.54 13.05
N ASP B 22 -2.50 7.62 13.65
CA ASP B 22 -3.92 7.76 13.94
C ASP B 22 -4.68 8.29 12.72
N GLU B 23 -3.96 8.85 11.74
CA GLU B 23 -4.59 9.38 10.54
C GLU B 23 -5.55 8.36 9.95
N THR B 24 -6.15 8.69 8.81
CA THR B 24 -7.11 7.81 8.16
C THR B 24 -6.55 7.19 6.88
N VAL B 25 -5.26 6.89 6.88
CA VAL B 25 -4.59 6.31 5.73
C VAL B 25 -4.81 7.10 4.42
N LYS B 26 -5.61 8.20 4.46
CA LYS B 26 -5.85 9.03 3.29
C LYS B 26 -4.69 9.98 2.99
N VAL B 27 -4.17 10.61 4.03
CA VAL B 27 -3.06 11.53 3.89
C VAL B 27 -1.90 10.77 3.28
N LEU B 28 -1.80 9.53 3.73
CA LEU B 28 -0.79 8.64 3.24
C LEU B 28 -0.94 8.50 1.75
N LYS B 29 -2.17 8.26 1.33
CA LYS B 29 -2.46 8.09 -0.07
C LYS B 29 -1.96 9.26 -0.88
N GLU B 30 -2.04 10.44 -0.30
CA GLU B 30 -1.54 11.63 -0.98
C GLU B 30 -0.03 11.50 -1.19
N LYS B 31 0.67 10.99 -0.17
CA LYS B 31 2.13 10.82 -0.26
C LYS B 31 2.52 9.70 -1.22
N ILE B 32 2.14 8.47 -0.87
CA ILE B 32 2.44 7.29 -1.66
C ILE B 32 2.06 7.50 -3.11
N GLU B 33 0.93 8.17 -3.32
CA GLU B 33 0.46 8.45 -4.67
C GLU B 33 1.35 9.49 -5.32
N ALA B 34 1.85 10.43 -4.52
CA ALA B 34 2.72 11.48 -5.05
C ALA B 34 4.10 10.92 -5.39
N GLU B 35 4.43 9.80 -4.76
CA GLU B 35 5.72 9.14 -4.95
C GLU B 35 5.70 8.12 -6.10
N LYS B 36 4.60 7.40 -6.25
CA LYS B 36 4.47 6.37 -7.27
C LYS B 36 3.76 6.88 -8.52
N GLY B 37 2.54 7.36 -8.35
CA GLY B 37 1.79 7.85 -9.50
C GLY B 37 0.33 8.09 -9.19
N ARG B 38 -0.30 8.95 -9.97
CA ARG B 38 -1.72 9.25 -9.79
C ARG B 38 -2.57 8.28 -10.59
N ASP B 39 -1.93 7.26 -11.15
CA ASP B 39 -2.62 6.24 -11.92
C ASP B 39 -2.49 4.90 -11.22
N ALA B 40 -1.27 4.60 -10.80
CA ALA B 40 -0.97 3.35 -10.10
C ALA B 40 -1.34 3.43 -8.62
N PHE B 41 -1.56 4.64 -8.08
CA PHE B 41 -1.93 4.78 -6.67
C PHE B 41 -2.78 6.02 -6.42
N PRO B 42 -3.77 6.29 -7.28
CA PRO B 42 -4.66 7.44 -7.13
C PRO B 42 -5.27 7.45 -5.72
N VAL B 43 -5.00 8.53 -4.98
CA VAL B 43 -5.50 8.67 -3.61
C VAL B 43 -6.81 7.93 -3.39
N ALA B 44 -7.67 7.97 -4.40
CA ALA B 44 -8.96 7.31 -4.32
C ALA B 44 -8.81 5.80 -4.10
N GLY B 45 -8.40 5.09 -5.14
CA GLY B 45 -8.23 3.65 -5.05
C GLY B 45 -7.23 3.23 -3.99
N GLN B 46 -6.42 4.17 -3.53
CA GLN B 46 -5.41 3.87 -2.53
C GLN B 46 -5.98 3.03 -1.38
N LYS B 47 -5.28 1.95 -1.08
CA LYS B 47 -5.65 1.02 -0.01
C LYS B 47 -4.42 0.23 0.41
N LEU B 48 -4.55 -0.61 1.42
CA LEU B 48 -3.42 -1.42 1.88
C LEU B 48 -3.89 -2.65 2.64
N ILE B 49 -3.23 -3.78 2.45
CA ILE B 49 -3.62 -4.99 3.16
C ILE B 49 -2.75 -5.24 4.37
N TYR B 50 -3.37 -5.27 5.54
CA TYR B 50 -2.66 -5.52 6.77
C TYR B 50 -3.26 -6.73 7.48
N ALA B 51 -2.54 -7.85 7.45
CA ALA B 51 -3.00 -9.07 8.08
C ALA B 51 -4.22 -9.63 7.35
N GLY B 52 -4.23 -9.44 6.03
CA GLY B 52 -5.35 -9.92 5.24
C GLY B 52 -6.48 -8.90 5.21
N LYS B 53 -6.41 -7.93 6.12
CA LYS B 53 -7.43 -6.89 6.19
C LYS B 53 -7.18 -5.86 5.09
N ILE B 54 -8.16 -4.99 4.84
CA ILE B 54 -8.01 -3.96 3.82
C ILE B 54 -8.31 -2.58 4.42
N LEU B 55 -7.40 -1.63 4.21
CA LEU B 55 -7.56 -0.29 4.72
C LEU B 55 -7.66 0.69 3.57
N SER B 56 -8.80 1.35 3.47
CA SER B 56 -9.04 2.30 2.41
C SER B 56 -8.62 3.71 2.85
N ASP B 57 -8.29 4.59 1.89
CA ASP B 57 -7.87 5.96 2.23
C ASP B 57 -8.79 6.61 3.28
N ASP B 58 -10.02 6.15 3.42
CA ASP B 58 -10.94 6.76 4.38
C ASP B 58 -11.10 5.94 5.66
N VAL B 59 -10.06 5.20 6.04
CA VAL B 59 -10.08 4.40 7.26
C VAL B 59 -8.83 4.72 8.07
N PRO B 60 -8.77 4.36 9.35
CA PRO B 60 -7.60 4.66 10.19
C PRO B 60 -6.46 3.66 9.96
N ILE B 61 -5.28 4.16 9.55
CA ILE B 61 -4.15 3.26 9.33
C ILE B 61 -3.82 2.52 10.61
N ARG B 62 -4.01 3.21 11.74
CA ARG B 62 -3.74 2.65 13.06
C ARG B 62 -4.76 1.56 13.39
N ASP B 63 -5.94 1.67 12.81
CA ASP B 63 -6.98 0.67 13.04
C ASP B 63 -6.49 -0.69 12.54
N TYR B 64 -5.49 -0.66 11.67
CA TYR B 64 -4.93 -1.91 11.11
C TYR B 64 -3.55 -2.19 11.70
N ARG B 65 -3.31 -1.71 12.93
CA ARG B 65 -2.03 -1.92 13.61
C ARG B 65 -0.86 -1.96 12.61
N ILE B 66 -0.71 -0.90 11.83
CA ILE B 66 0.37 -0.82 10.85
C ILE B 66 1.55 -0.04 11.41
N ASP B 67 2.44 -0.75 12.08
CA ASP B 67 3.62 -0.14 12.69
C ASP B 67 4.78 -0.08 11.70
N GLU B 68 5.73 0.82 11.95
CA GLU B 68 6.90 0.97 11.08
C GLU B 68 7.66 -0.35 10.98
N LYS B 69 7.79 -1.05 12.11
CA LYS B 69 8.48 -2.33 12.13
C LYS B 69 7.82 -3.29 11.15
N ASN B 70 6.51 -3.10 10.97
CA ASN B 70 5.74 -3.92 10.05
C ASN B 70 5.40 -3.12 8.80
N PHE B 71 4.95 -3.81 7.76
CA PHE B 71 4.60 -3.12 6.53
C PHE B 71 3.32 -3.68 5.92
N VAL B 72 2.54 -2.78 5.35
CA VAL B 72 1.29 -3.13 4.72
C VAL B 72 1.36 -2.95 3.20
N VAL B 73 0.73 -3.84 2.46
CA VAL B 73 0.73 -3.77 1.02
C VAL B 73 -0.13 -2.60 0.58
N VAL B 74 0.17 -2.05 -0.59
CA VAL B 74 -0.58 -0.92 -1.12
C VAL B 74 -1.28 -1.29 -2.44
N MET B 75 -2.61 -1.33 -2.39
CA MET B 75 -3.41 -1.66 -3.56
C MET B 75 -4.24 -0.44 -3.96
N VAL B 76 -4.41 -0.24 -5.25
CA VAL B 76 -5.18 0.90 -5.73
C VAL B 76 -6.03 0.52 -6.94
N THR B 77 -7.35 0.49 -6.73
CA THR B 77 -8.29 0.14 -7.79
C THR B 77 -8.59 1.35 -8.67
N LYS B 78 -7.91 1.43 -9.81
CA LYS B 78 -8.10 2.53 -10.74
C LYS B 78 -7.78 3.86 -10.08
N PHE A 8 7.73 -3.17 -22.23
CA PHE A 8 8.21 -2.15 -21.30
C PHE A 8 8.85 -2.80 -20.07
N GLY A 9 8.15 -3.78 -19.50
CA GLY A 9 8.67 -4.46 -18.34
C GLY A 9 9.01 -5.91 -18.61
N ARG A 10 9.39 -6.20 -19.85
CA ARG A 10 9.75 -7.57 -20.25
C ARG A 10 11.08 -7.99 -19.65
N THR A 11 11.73 -7.06 -18.94
CA THR A 11 13.02 -7.34 -18.32
C THR A 11 12.91 -8.46 -17.28
N GLY A 12 11.70 -8.67 -16.79
CA GLY A 12 11.48 -9.71 -15.80
C GLY A 12 10.13 -9.58 -15.10
N LEU A 13 9.59 -8.37 -15.08
CA LEU A 13 8.30 -8.12 -14.45
C LEU A 13 7.17 -8.24 -15.47
N PRO A 14 5.93 -8.39 -14.98
CA PRO A 14 4.75 -8.52 -15.84
C PRO A 14 4.35 -7.18 -16.45
N ASP A 15 3.39 -6.49 -15.82
CA ASP A 15 2.93 -5.21 -16.31
C ASP A 15 3.03 -4.15 -15.22
N LEU A 16 1.93 -3.95 -14.50
CA LEU A 16 1.85 -2.97 -13.45
C LEU A 16 1.54 -1.59 -14.00
N SER A 17 1.92 -1.35 -15.25
CA SER A 17 1.62 -0.10 -15.92
C SER A 17 0.27 -0.26 -16.59
N SER A 18 -0.67 -0.78 -15.82
CA SER A 18 -2.03 -1.06 -16.28
C SER A 18 -2.69 -2.02 -15.29
N MET A 19 -1.84 -2.84 -14.63
CA MET A 19 -2.25 -3.80 -13.61
C MET A 19 -3.72 -3.69 -13.26
N THR A 20 -4.04 -2.54 -12.75
CA THR A 20 -5.39 -2.23 -12.32
C THR A 20 -5.69 -2.87 -10.99
N GLU A 21 -6.95 -2.91 -10.64
CA GLU A 21 -7.40 -3.49 -9.40
C GLU A 21 -6.94 -4.93 -9.33
N GLU A 22 -7.10 -5.63 -10.44
CA GLU A 22 -6.73 -7.03 -10.54
C GLU A 22 -5.27 -7.28 -10.24
N GLU A 23 -4.40 -6.45 -10.79
CA GLU A 23 -2.98 -6.69 -10.57
C GLU A 23 -2.55 -6.16 -9.22
N GLN A 24 -3.33 -5.26 -8.66
CA GLN A 24 -3.02 -4.72 -7.36
C GLN A 24 -3.74 -5.49 -6.28
N ILE A 25 -4.70 -6.31 -6.67
CA ILE A 25 -5.45 -7.12 -5.74
C ILE A 25 -4.81 -8.48 -5.66
N ALA A 26 -4.27 -8.86 -6.81
CA ALA A 26 -3.57 -10.11 -6.98
C ALA A 26 -2.21 -10.01 -6.32
N TYR A 27 -1.50 -8.93 -6.66
CA TYR A 27 -0.20 -8.69 -6.09
C TYR A 27 -0.32 -8.21 -4.66
N ALA A 28 -1.35 -7.40 -4.38
CA ALA A 28 -1.55 -6.90 -3.03
C ALA A 28 -1.72 -8.01 -2.05
N MET A 29 -2.54 -9.00 -2.37
CA MET A 29 -2.79 -10.10 -1.44
C MET A 29 -1.54 -10.98 -1.28
N GLN A 30 -1.02 -11.44 -2.44
CA GLN A 30 0.17 -12.27 -2.44
C GLN A 30 1.23 -11.69 -1.53
N MET A 31 1.28 -10.37 -1.47
CA MET A 31 2.25 -9.67 -0.63
C MET A 31 1.59 -9.20 0.66
N SER A 32 0.26 -9.19 0.65
CA SER A 32 -0.51 -8.76 1.81
C SER A 32 -0.06 -9.54 3.00
N LEU A 33 0.36 -10.75 2.72
CA LEU A 33 0.84 -11.62 3.77
C LEU A 33 2.29 -11.30 4.14
N GLN A 34 2.65 -10.01 4.14
CA GLN A 34 4.00 -9.59 4.49
C GLN A 34 4.58 -10.49 5.58
N GLY A 35 3.69 -11.01 6.43
CA GLY A 35 4.13 -11.87 7.50
C GLY A 35 3.04 -12.14 8.52
N ALA A 36 2.11 -11.20 8.65
CA ALA A 36 1.00 -11.34 9.59
C ALA A 36 1.38 -10.82 10.97
N GLU A 37 2.36 -11.45 11.60
CA GLU A 37 2.80 -11.05 12.93
C GLU A 37 4.32 -10.83 12.97
N PHE A 38 5.06 -11.87 13.34
CA PHE A 38 6.51 -11.77 13.42
C PHE A 38 7.17 -12.72 12.42
N GLY A 39 7.45 -12.21 11.22
CA GLY A 39 8.08 -13.02 10.20
C GLY A 39 7.12 -14.03 9.59
N MET B 1 4.55 14.67 15.76
CA MET B 1 5.53 13.58 15.99
C MET B 1 4.97 12.24 15.54
N ALA B 2 4.52 12.17 14.28
CA ALA B 2 3.96 10.94 13.74
C ALA B 2 5.05 9.89 13.56
N VAL B 3 4.65 8.66 13.26
CA VAL B 3 5.60 7.58 13.06
C VAL B 3 5.82 7.35 11.57
N THR B 4 6.80 6.50 11.24
CA THR B 4 7.11 6.20 9.86
C THR B 4 6.37 4.93 9.39
N ILE B 5 5.14 5.06 8.87
CA ILE B 5 4.41 3.90 8.41
C ILE B 5 5.30 3.06 7.48
N THR B 6 4.83 1.87 7.13
CA THR B 6 5.55 0.97 6.24
C THR B 6 4.56 0.27 5.33
N LEU B 7 4.81 0.31 4.02
CA LEU B 7 3.93 -0.32 3.03
C LEU B 7 4.74 -1.12 2.01
N LYS B 8 4.05 -1.95 1.24
CA LYS B 8 4.72 -2.75 0.22
C LYS B 8 4.03 -2.62 -1.12
N THR B 9 4.75 -2.05 -2.09
CA THR B 9 4.19 -1.87 -3.43
C THR B 9 4.40 -3.13 -4.28
N LEU B 10 3.43 -4.08 -4.26
CA LEU B 10 3.51 -5.33 -5.03
C LEU B 10 4.69 -5.42 -6.01
N GLN B 11 4.96 -4.36 -6.77
CA GLN B 11 6.06 -4.35 -7.73
C GLN B 11 7.39 -4.80 -7.09
N GLN B 12 7.43 -4.99 -5.75
CA GLN B 12 8.64 -5.41 -5.05
C GLN B 12 9.29 -4.23 -4.30
N GLN B 13 8.82 -2.99 -4.53
CA GLN B 13 9.40 -1.85 -3.85
C GLN B 13 8.83 -1.71 -2.44
N THR B 14 9.55 -2.25 -1.46
CA THR B 14 9.14 -2.16 -0.08
C THR B 14 9.68 -0.87 0.53
N PHE B 15 8.79 0.01 0.96
CA PHE B 15 9.21 1.28 1.52
C PHE B 15 8.33 1.66 2.71
N LYS B 16 8.43 2.91 3.14
CA LYS B 16 7.64 3.38 4.28
C LYS B 16 7.19 4.83 4.04
N ILE B 17 6.20 5.29 4.79
CA ILE B 17 5.70 6.65 4.62
C ILE B 17 5.70 7.40 5.95
N ARG B 18 5.54 8.71 5.91
CA ARG B 18 5.55 9.52 7.12
C ARG B 18 4.20 10.16 7.40
N MET B 19 3.21 9.35 7.78
CA MET B 19 1.89 9.88 8.10
C MET B 19 1.58 9.68 9.58
N GLU B 20 0.53 10.33 10.06
CA GLU B 20 0.13 10.20 11.46
C GLU B 20 -0.62 8.90 11.68
N PRO B 21 -0.16 8.07 12.63
CA PRO B 21 -0.80 6.79 12.93
C PRO B 21 -2.28 6.96 13.23
N ASP B 22 -2.68 8.19 13.56
CA ASP B 22 -4.08 8.47 13.86
C ASP B 22 -4.84 8.80 12.59
N GLU B 23 -4.16 9.45 11.66
CA GLU B 23 -4.78 9.82 10.39
C GLU B 23 -5.65 8.68 9.86
N THR B 24 -6.43 8.96 8.83
CA THR B 24 -7.32 7.98 8.24
C THR B 24 -6.66 7.27 7.07
N VAL B 25 -5.35 7.12 7.13
CA VAL B 25 -4.59 6.48 6.08
C VAL B 25 -4.73 7.22 4.72
N LYS B 26 -5.64 8.21 4.61
CA LYS B 26 -5.81 8.97 3.37
C LYS B 26 -4.57 9.80 3.10
N VAL B 27 -4.11 10.48 4.14
CA VAL B 27 -2.91 11.30 4.06
C VAL B 27 -1.77 10.46 3.47
N LEU B 28 -1.79 9.20 3.86
CA LEU B 28 -0.82 8.25 3.39
C LEU B 28 -0.98 8.00 1.92
N LYS B 29 -2.23 7.89 1.51
CA LYS B 29 -2.52 7.63 0.12
C LYS B 29 -1.93 8.75 -0.73
N GLU B 30 -1.90 9.95 -0.15
CA GLU B 30 -1.35 11.12 -0.83
C GLU B 30 0.15 10.93 -1.03
N LYS B 31 0.82 10.46 0.03
CA LYS B 31 2.27 10.24 -0.03
C LYS B 31 2.62 9.13 -1.02
N ILE B 32 2.18 7.93 -0.71
CA ILE B 32 2.44 6.76 -1.54
C ILE B 32 2.05 7.00 -2.99
N GLU B 33 0.92 7.66 -3.21
CA GLU B 33 0.48 7.96 -4.56
C GLU B 33 1.45 8.95 -5.21
N ALA B 34 2.03 9.81 -4.37
CA ALA B 34 2.99 10.79 -4.86
C ALA B 34 4.29 10.12 -5.26
N GLU B 35 4.54 8.95 -4.68
CA GLU B 35 5.74 8.18 -4.95
C GLU B 35 5.60 7.38 -6.25
N LYS B 36 4.44 6.75 -6.42
CA LYS B 36 4.19 5.93 -7.59
C LYS B 36 3.48 6.72 -8.69
N GLY B 37 2.30 7.24 -8.37
CA GLY B 37 1.56 8.00 -9.36
C GLY B 37 0.07 7.97 -9.11
N ARG B 38 -0.65 8.85 -9.80
CA ARG B 38 -2.10 8.93 -9.66
C ARG B 38 -2.78 7.86 -10.50
N ASP B 39 -1.99 7.05 -11.19
CA ASP B 39 -2.52 5.97 -12.02
C ASP B 39 -2.30 4.63 -11.35
N ALA B 40 -1.18 4.52 -10.63
CA ALA B 40 -0.86 3.28 -9.92
C ALA B 40 -1.52 3.23 -8.54
N PHE B 41 -1.45 4.33 -7.79
CA PHE B 41 -2.07 4.38 -6.46
C PHE B 41 -2.84 5.68 -6.24
N PRO B 42 -3.79 6.01 -7.11
CA PRO B 42 -4.59 7.22 -6.97
C PRO B 42 -5.30 7.27 -5.61
N VAL B 43 -4.91 8.24 -4.78
CA VAL B 43 -5.49 8.38 -3.44
C VAL B 43 -6.95 7.92 -3.41
N ALA B 44 -7.66 8.15 -4.50
CA ALA B 44 -9.06 7.75 -4.60
C ALA B 44 -9.23 6.27 -4.27
N GLY B 45 -8.77 5.41 -5.17
CA GLY B 45 -8.86 3.98 -4.96
C GLY B 45 -7.72 3.45 -4.13
N GLN B 46 -6.98 4.35 -3.52
CA GLN B 46 -5.83 3.98 -2.71
C GLN B 46 -6.26 3.16 -1.48
N LYS B 47 -5.63 2.00 -1.35
CA LYS B 47 -5.90 1.08 -0.25
C LYS B 47 -4.63 0.30 0.10
N LEU B 48 -4.72 -0.55 1.11
CA LEU B 48 -3.57 -1.36 1.51
C LEU B 48 -4.00 -2.60 2.28
N ILE B 49 -3.14 -3.60 2.36
CA ILE B 49 -3.49 -4.83 3.08
C ILE B 49 -2.61 -5.02 4.30
N TYR B 50 -3.23 -5.20 5.45
CA TYR B 50 -2.51 -5.42 6.69
C TYR B 50 -3.04 -6.64 7.42
N ALA B 51 -2.29 -7.74 7.36
CA ALA B 51 -2.71 -8.95 8.02
C ALA B 51 -3.96 -9.53 7.37
N GLY B 52 -4.04 -9.42 6.05
CA GLY B 52 -5.20 -9.92 5.34
C GLY B 52 -6.32 -8.91 5.32
N LYS B 53 -6.17 -7.86 6.13
CA LYS B 53 -7.18 -6.80 6.20
C LYS B 53 -6.98 -5.80 5.06
N ILE B 54 -7.93 -4.89 4.90
CA ILE B 54 -7.86 -3.88 3.86
C ILE B 54 -8.17 -2.50 4.46
N LEU B 55 -7.31 -1.54 4.19
CA LEU B 55 -7.50 -0.19 4.70
C LEU B 55 -7.65 0.77 3.54
N SER B 56 -8.78 1.47 3.53
CA SER B 56 -9.08 2.43 2.49
C SER B 56 -8.68 3.84 2.97
N ASP B 57 -8.34 4.74 2.04
CA ASP B 57 -7.95 6.10 2.44
C ASP B 57 -8.88 6.69 3.52
N ASP B 58 -10.11 6.20 3.62
CA ASP B 58 -11.06 6.76 4.59
C ASP B 58 -11.18 5.92 5.86
N VAL B 59 -10.11 5.23 6.24
CA VAL B 59 -10.10 4.43 7.46
C VAL B 59 -8.91 4.85 8.32
N PRO B 60 -8.90 4.56 9.62
CA PRO B 60 -7.79 4.97 10.47
C PRO B 60 -6.60 4.03 10.35
N ILE B 61 -5.47 4.61 9.97
CA ILE B 61 -4.22 3.88 9.81
C ILE B 61 -3.89 3.12 11.11
N ARG B 62 -4.13 3.77 12.24
CA ARG B 62 -3.86 3.17 13.55
C ARG B 62 -4.76 1.97 13.77
N ASP B 63 -5.92 1.99 13.14
CA ASP B 63 -6.88 0.91 13.25
C ASP B 63 -6.30 -0.35 12.63
N TYR B 64 -5.34 -0.15 11.70
CA TYR B 64 -4.70 -1.26 11.01
C TYR B 64 -3.32 -1.56 11.59
N ARG B 65 -3.04 -0.98 12.75
CA ARG B 65 -1.74 -1.19 13.41
C ARG B 65 -0.62 -1.35 12.38
N ILE B 66 -0.55 -0.42 11.44
CA ILE B 66 0.48 -0.45 10.41
C ILE B 66 1.80 0.04 10.98
N ASP B 67 2.55 -0.85 11.60
CA ASP B 67 3.82 -0.48 12.21
C ASP B 67 4.93 -0.38 11.17
N GLU B 68 5.96 0.40 11.48
CA GLU B 68 7.08 0.59 10.58
C GLU B 68 7.78 -0.73 10.32
N LYS B 69 7.78 -1.60 11.33
CA LYS B 69 8.41 -2.90 11.21
C LYS B 69 7.65 -3.79 10.22
N ASN B 70 6.36 -3.48 10.00
CA ASN B 70 5.55 -4.26 9.08
C ASN B 70 5.00 -3.37 7.97
N PHE B 71 5.02 -3.87 6.74
CA PHE B 71 4.51 -3.09 5.62
C PHE B 71 3.14 -3.56 5.16
N VAL B 72 2.28 -2.58 4.93
CA VAL B 72 0.95 -2.81 4.46
C VAL B 72 0.93 -2.61 2.94
N VAL B 73 0.73 -3.69 2.21
CA VAL B 73 0.73 -3.62 0.76
C VAL B 73 -0.16 -2.49 0.29
N VAL B 74 0.15 -1.97 -0.88
CA VAL B 74 -0.60 -0.86 -1.48
C VAL B 74 -1.31 -1.32 -2.74
N MET B 75 -2.65 -1.24 -2.74
CA MET B 75 -3.46 -1.65 -3.87
C MET B 75 -4.42 -0.54 -4.29
N VAL B 76 -4.48 -0.29 -5.60
CA VAL B 76 -5.35 0.73 -6.16
C VAL B 76 -5.70 0.42 -7.61
N THR B 77 -6.76 1.04 -8.11
CA THR B 77 -7.19 0.84 -9.48
C THR B 77 -7.68 2.14 -10.12
N LYS B 78 -7.81 2.13 -11.44
CA LYS B 78 -8.26 3.31 -12.17
C LYS B 78 -8.19 3.09 -13.67
N PHE A 8 15.65 -8.64 -20.70
CA PHE A 8 14.36 -8.43 -21.36
C PHE A 8 13.48 -7.48 -20.56
N GLY A 9 13.62 -6.19 -20.83
CA GLY A 9 12.83 -5.19 -20.12
C GLY A 9 13.30 -4.97 -18.69
N ARG A 10 14.56 -4.55 -18.55
CA ARG A 10 15.13 -4.31 -17.23
C ARG A 10 14.59 -3.01 -16.64
N THR A 11 13.84 -2.26 -17.44
CA THR A 11 13.27 -0.99 -17.00
C THR A 11 11.81 -1.17 -16.59
N GLY A 12 11.50 -2.30 -15.97
CA GLY A 12 10.14 -2.57 -15.55
C GLY A 12 9.37 -3.36 -16.59
N LEU A 13 9.62 -4.67 -16.64
CA LEU A 13 8.95 -5.53 -17.60
C LEU A 13 7.45 -5.25 -17.63
N PRO A 14 6.83 -5.25 -16.46
CA PRO A 14 5.41 -5.00 -16.30
C PRO A 14 5.10 -3.49 -16.22
N ASP A 15 4.53 -3.03 -15.12
CA ASP A 15 4.20 -1.61 -14.95
C ASP A 15 3.20 -1.44 -13.82
N LEU A 16 2.41 -2.48 -13.59
CA LEU A 16 1.42 -2.48 -12.55
C LEU A 16 0.17 -1.75 -13.01
N SER A 17 0.30 -0.44 -13.21
CA SER A 17 -0.83 0.33 -13.71
C SER A 17 -1.27 -0.29 -15.02
N SER A 18 -0.36 -1.05 -15.61
CA SER A 18 -0.59 -1.75 -16.87
C SER A 18 -1.56 -2.92 -16.70
N MET A 19 -1.42 -3.70 -15.63
CA MET A 19 -2.34 -4.82 -15.42
C MET A 19 -3.47 -4.42 -14.50
N THR A 20 -3.61 -3.12 -14.39
CA THR A 20 -4.66 -2.46 -13.63
C THR A 20 -4.84 -3.01 -12.23
N GLU A 21 -6.07 -2.85 -11.73
CA GLU A 21 -6.44 -3.28 -10.41
C GLU A 21 -6.12 -4.76 -10.20
N GLU A 22 -6.16 -5.53 -11.29
CA GLU A 22 -5.86 -6.95 -11.20
C GLU A 22 -4.40 -7.15 -10.81
N GLU A 23 -3.56 -6.26 -11.30
CA GLU A 23 -2.14 -6.30 -11.02
C GLU A 23 -1.86 -5.89 -9.58
N GLN A 24 -2.58 -4.88 -9.12
CA GLN A 24 -2.40 -4.37 -7.77
C GLN A 24 -3.19 -5.17 -6.75
N ILE A 25 -4.13 -5.98 -7.21
CA ILE A 25 -4.95 -6.80 -6.32
C ILE A 25 -4.33 -8.17 -6.19
N ALA A 26 -3.72 -8.58 -7.29
CA ALA A 26 -3.06 -9.85 -7.40
C ALA A 26 -1.75 -9.78 -6.64
N TYR A 27 -1.03 -8.71 -6.93
CA TYR A 27 0.24 -8.44 -6.29
C TYR A 27 0.01 -8.02 -4.84
N ALA A 28 -0.98 -7.16 -4.62
CA ALA A 28 -1.28 -6.69 -3.27
C ALA A 28 -1.54 -7.83 -2.33
N MET A 29 -2.37 -8.78 -2.73
CA MET A 29 -2.67 -9.90 -1.86
C MET A 29 -1.41 -10.75 -1.60
N GLN A 30 -0.78 -11.18 -2.69
CA GLN A 30 0.42 -12.00 -2.62
C GLN A 30 1.42 -11.49 -1.58
N MET A 31 1.62 -10.18 -1.50
CA MET A 31 2.57 -9.59 -0.56
C MET A 31 1.86 -8.99 0.64
N SER A 32 0.54 -8.89 0.53
CA SER A 32 -0.27 -8.35 1.59
C SER A 32 -0.14 -9.24 2.80
N LEU A 33 0.07 -10.50 2.51
CA LEU A 33 0.23 -11.49 3.55
C LEU A 33 1.68 -11.57 3.98
N GLN A 34 2.32 -10.40 4.12
CA GLN A 34 3.72 -10.34 4.53
C GLN A 34 4.05 -11.47 5.49
N GLY A 35 3.06 -11.89 6.29
CA GLY A 35 3.28 -12.96 7.23
C GLY A 35 2.42 -12.83 8.48
N ALA A 36 1.10 -12.71 8.27
CA ALA A 36 0.13 -12.57 9.36
C ALA A 36 0.70 -13.00 10.70
N GLU A 37 1.45 -12.12 11.32
CA GLU A 37 2.07 -12.40 12.62
C GLU A 37 2.84 -13.71 12.58
N PHE A 38 4.09 -13.65 12.13
CA PHE A 38 4.94 -14.83 12.05
C PHE A 38 4.76 -15.71 13.28
N GLY A 39 4.50 -15.08 14.42
CA GLY A 39 4.31 -15.84 15.64
C GLY A 39 5.59 -15.98 16.44
N MET B 1 6.36 15.30 15.54
CA MET B 1 5.67 15.64 14.27
C MET B 1 4.87 14.45 13.74
N ALA B 2 5.55 13.33 13.53
CA ALA B 2 4.91 12.11 13.03
C ALA B 2 5.91 10.97 12.93
N VAL B 3 5.40 9.79 12.60
CA VAL B 3 6.23 8.60 12.46
C VAL B 3 6.45 8.29 10.98
N THR B 4 6.80 7.04 10.67
CA THR B 4 7.04 6.61 9.29
C THR B 4 6.36 5.27 8.99
N ILE B 5 5.15 5.25 8.40
CA ILE B 5 4.51 3.98 8.10
C ILE B 5 5.44 3.11 7.27
N THR B 6 5.02 1.88 6.98
CA THR B 6 5.79 0.96 6.16
C THR B 6 4.82 0.18 5.29
N LEU B 7 5.06 0.16 3.98
CA LEU B 7 4.15 -0.52 3.07
C LEU B 7 4.85 -1.37 2.03
N LYS B 8 4.06 -2.15 1.29
CA LYS B 8 4.59 -3.00 0.23
C LYS B 8 3.85 -2.71 -1.08
N THR B 9 4.51 -1.98 -1.95
CA THR B 9 3.93 -1.63 -3.24
C THR B 9 3.96 -2.82 -4.21
N LEU B 10 2.88 -3.64 -4.25
CA LEU B 10 2.78 -4.84 -5.11
C LEU B 10 3.97 -5.06 -6.05
N GLN B 11 4.42 -4.02 -6.76
CA GLN B 11 5.55 -4.14 -7.69
C GLN B 11 6.79 -4.76 -7.01
N GLN B 12 6.76 -4.97 -5.67
CA GLN B 12 7.89 -5.54 -4.93
C GLN B 12 8.67 -4.47 -4.18
N GLN B 13 8.37 -3.18 -4.40
CA GLN B 13 9.10 -2.12 -3.71
C GLN B 13 8.55 -1.89 -2.30
N THR B 14 9.23 -2.45 -1.31
CA THR B 14 8.82 -2.28 0.07
C THR B 14 9.47 -1.02 0.64
N PHE B 15 8.64 -0.03 0.96
CA PHE B 15 9.16 1.23 1.49
C PHE B 15 8.39 1.69 2.72
N LYS B 16 8.27 3.00 2.92
CA LYS B 16 7.57 3.54 4.08
C LYS B 16 7.01 4.93 3.79
N ILE B 17 6.10 5.41 4.65
CA ILE B 17 5.51 6.73 4.45
C ILE B 17 5.28 7.46 5.78
N ARG B 18 6.18 8.39 6.20
CA ARG B 18 5.98 9.16 7.47
C ARG B 18 4.70 8.72 8.19
N MET B 19 3.59 9.23 7.72
CA MET B 19 2.29 8.88 8.27
C MET B 19 2.15 9.27 9.73
N GLU B 20 0.96 9.01 10.26
CA GLU B 20 0.65 9.30 11.65
C GLU B 20 -0.35 8.28 12.17
N PRO B 21 -0.19 7.81 13.41
CA PRO B 21 -1.07 6.80 14.01
C PRO B 21 -2.49 7.31 14.28
N ASP B 22 -2.83 8.49 13.78
CA ASP B 22 -4.16 9.05 14.00
C ASP B 22 -4.87 9.33 12.68
N GLU B 23 -4.13 9.79 11.68
CA GLU B 23 -4.71 10.10 10.38
C GLU B 23 -5.62 8.96 9.92
N THR B 24 -6.37 9.20 8.85
CA THR B 24 -7.29 8.21 8.31
C THR B 24 -6.68 7.50 7.11
N VAL B 25 -5.37 7.31 7.13
CA VAL B 25 -4.66 6.66 6.04
C VAL B 25 -4.85 7.36 4.67
N LYS B 26 -5.74 8.36 4.58
CA LYS B 26 -5.94 9.09 3.33
C LYS B 26 -4.70 9.93 3.02
N VAL B 27 -4.21 10.61 4.05
CA VAL B 27 -3.02 11.42 3.92
C VAL B 27 -1.92 10.55 3.33
N LEU B 28 -1.91 9.29 3.76
CA LEU B 28 -0.96 8.34 3.26
C LEU B 28 -1.16 8.13 1.79
N LYS B 29 -2.41 8.06 1.38
CA LYS B 29 -2.72 7.86 -0.03
C LYS B 29 -2.13 8.99 -0.84
N GLU B 30 -2.02 10.15 -0.24
CA GLU B 30 -1.45 11.31 -0.89
C GLU B 30 0.06 11.13 -1.09
N LYS B 31 0.73 10.57 -0.08
CA LYS B 31 2.18 10.36 -0.15
C LYS B 31 2.55 9.17 -1.04
N ILE B 32 1.81 8.08 -0.94
CA ILE B 32 2.05 6.87 -1.71
C ILE B 32 1.66 7.08 -3.17
N GLU B 33 0.63 7.87 -3.40
CA GLU B 33 0.17 8.16 -4.76
C GLU B 33 1.16 9.08 -5.44
N ALA B 34 1.63 10.08 -4.71
CA ALA B 34 2.60 11.03 -5.23
C ALA B 34 3.97 10.37 -5.39
N GLU B 35 4.18 9.31 -4.62
CA GLU B 35 5.44 8.58 -4.64
C GLU B 35 5.49 7.63 -5.82
N LYS B 36 4.38 6.94 -6.07
CA LYS B 36 4.28 5.99 -7.16
C LYS B 36 3.62 6.61 -8.40
N GLY B 37 2.38 7.04 -8.24
CA GLY B 37 1.65 7.64 -9.35
C GLY B 37 0.16 7.73 -9.09
N ARG B 38 -0.51 8.60 -9.84
CA ARG B 38 -1.95 8.76 -9.70
C ARG B 38 -2.69 7.72 -10.51
N ASP B 39 -1.94 6.82 -11.15
CA ASP B 39 -2.53 5.74 -11.93
C ASP B 39 -2.39 4.43 -11.18
N ALA B 40 -1.23 4.25 -10.57
CA ALA B 40 -0.95 3.03 -9.82
C ALA B 40 -1.56 3.09 -8.41
N PHE B 41 -1.52 4.28 -7.77
CA PHE B 41 -2.11 4.43 -6.43
C PHE B 41 -2.97 5.69 -6.34
N PRO B 42 -3.92 5.88 -7.27
CA PRO B 42 -4.80 7.04 -7.24
C PRO B 42 -5.53 7.16 -5.90
N VAL B 43 -5.11 8.14 -5.10
CA VAL B 43 -5.69 8.38 -3.77
C VAL B 43 -7.10 7.83 -3.65
N ALA B 44 -7.91 8.01 -4.68
CA ALA B 44 -9.28 7.53 -4.68
C ALA B 44 -9.37 6.04 -4.32
N GLY B 45 -8.77 5.20 -5.16
CA GLY B 45 -8.80 3.75 -4.92
C GLY B 45 -7.67 3.25 -4.05
N GLN B 46 -7.03 4.15 -3.33
CA GLN B 46 -5.93 3.76 -2.45
C GLN B 46 -6.42 2.95 -1.26
N LYS B 47 -5.80 1.79 -1.09
CA LYS B 47 -6.11 0.86 -0.01
C LYS B 47 -4.85 0.08 0.36
N LEU B 48 -4.94 -0.79 1.37
CA LEU B 48 -3.79 -1.58 1.79
C LEU B 48 -4.25 -2.83 2.52
N ILE B 49 -3.37 -3.80 2.67
CA ILE B 49 -3.71 -5.03 3.37
C ILE B 49 -2.80 -5.26 4.55
N TYR B 50 -3.37 -5.15 5.75
CA TYR B 50 -2.60 -5.36 6.95
C TYR B 50 -3.14 -6.56 7.72
N ALA B 51 -2.55 -7.72 7.50
CA ALA B 51 -2.99 -8.93 8.17
C ALA B 51 -4.35 -9.34 7.65
N GLY B 52 -4.61 -9.05 6.37
CA GLY B 52 -5.88 -9.38 5.77
C GLY B 52 -6.90 -8.28 5.99
N LYS B 53 -6.51 -7.26 6.76
CA LYS B 53 -7.38 -6.12 7.05
C LYS B 53 -7.25 -5.04 5.97
N ILE B 54 -8.12 -5.01 4.95
CA ILE B 54 -8.03 -3.99 3.93
C ILE B 54 -8.40 -2.61 4.49
N LEU B 55 -7.47 -1.65 4.39
CA LEU B 55 -7.69 -0.30 4.87
C LEU B 55 -7.92 0.63 3.70
N SER B 56 -8.97 1.45 3.79
CA SER B 56 -9.28 2.38 2.73
C SER B 56 -8.85 3.80 3.14
N ASP B 57 -8.51 4.67 2.18
CA ASP B 57 -8.09 6.03 2.52
C ASP B 57 -8.97 6.67 3.58
N ASP B 58 -10.21 6.18 3.76
CA ASP B 58 -11.11 6.79 4.73
C ASP B 58 -11.18 6.01 6.06
N VAL B 59 -10.10 5.34 6.43
CA VAL B 59 -10.04 4.60 7.68
C VAL B 59 -8.81 5.02 8.45
N PRO B 60 -8.72 4.78 9.76
CA PRO B 60 -7.55 5.17 10.54
C PRO B 60 -6.39 4.20 10.39
N ILE B 61 -5.23 4.74 10.03
CA ILE B 61 -4.03 3.95 9.83
C ILE B 61 -3.69 3.16 11.09
N ARG B 62 -3.93 3.79 12.25
CA ARG B 62 -3.67 3.15 13.54
C ARG B 62 -4.59 1.98 13.73
N ASP B 63 -5.76 2.04 13.11
CA ASP B 63 -6.74 0.97 13.20
C ASP B 63 -6.16 -0.30 12.59
N TYR B 64 -5.17 -0.11 11.70
CA TYR B 64 -4.53 -1.23 11.02
C TYR B 64 -3.10 -1.43 11.52
N ARG B 65 -2.84 -0.98 12.75
CA ARG B 65 -1.52 -1.09 13.37
C ARG B 65 -0.41 -1.30 12.35
N ILE B 66 -0.27 -0.37 11.41
CA ILE B 66 0.78 -0.46 10.41
C ILE B 66 2.09 0.01 11.01
N ASP B 67 2.87 -0.93 11.54
CA ASP B 67 4.14 -0.62 12.19
C ASP B 67 5.30 -0.66 11.20
N GLU B 68 6.38 0.05 11.55
CA GLU B 68 7.57 0.09 10.70
C GLU B 68 8.13 -1.31 10.52
N LYS B 69 7.99 -2.15 11.54
CA LYS B 69 8.48 -3.52 11.47
C LYS B 69 7.62 -4.36 10.53
N ASN B 70 6.36 -3.94 10.35
CA ASN B 70 5.46 -4.67 9.46
C ASN B 70 4.82 -3.73 8.44
N PHE B 71 5.03 -4.03 7.17
CA PHE B 71 4.45 -3.20 6.12
C PHE B 71 3.08 -3.67 5.71
N VAL B 72 2.33 -2.73 5.16
CA VAL B 72 0.99 -2.96 4.68
C VAL B 72 0.97 -2.75 3.16
N VAL B 73 0.67 -3.79 2.40
CA VAL B 73 0.64 -3.68 0.96
C VAL B 73 -0.32 -2.59 0.53
N VAL B 74 0.03 -1.91 -0.54
CA VAL B 74 -0.80 -0.82 -1.08
C VAL B 74 -1.45 -1.25 -2.40
N MET B 75 -2.78 -1.34 -2.40
CA MET B 75 -3.55 -1.75 -3.56
C MET B 75 -4.48 -0.62 -4.02
N VAL B 76 -4.55 -0.41 -5.33
CA VAL B 76 -5.42 0.62 -5.88
C VAL B 76 -5.91 0.25 -7.27
N THR B 77 -7.11 0.72 -7.61
CA THR B 77 -7.70 0.45 -8.91
C THR B 77 -7.21 1.44 -9.96
N LYS B 78 -7.54 1.16 -11.22
CA LYS B 78 -7.12 2.03 -12.32
C LYS B 78 -8.34 2.56 -13.07
N PHE A 8 12.31 -15.24 -17.23
CA PHE A 8 12.48 -15.53 -18.65
C PHE A 8 12.23 -14.28 -19.50
N GLY A 9 11.16 -13.56 -19.18
CA GLY A 9 10.83 -12.36 -19.92
C GLY A 9 11.46 -11.12 -19.32
N ARG A 10 12.52 -11.31 -18.54
CA ARG A 10 13.20 -10.19 -17.90
C ARG A 10 12.48 -9.76 -16.63
N THR A 11 12.64 -10.56 -15.57
CA THR A 11 12.00 -10.27 -14.30
C THR A 11 10.50 -10.05 -14.48
N GLY A 12 9.95 -10.58 -15.56
CA GLY A 12 8.54 -10.44 -15.83
C GLY A 12 8.14 -8.99 -16.06
N LEU A 13 8.97 -8.25 -16.79
CA LEU A 13 8.71 -6.85 -17.08
C LEU A 13 7.22 -6.56 -17.16
N PRO A 14 6.61 -6.21 -16.02
CA PRO A 14 5.18 -5.91 -15.94
C PRO A 14 4.89 -4.42 -16.13
N ASP A 15 3.63 -4.11 -16.40
CA ASP A 15 3.20 -2.72 -16.59
C ASP A 15 2.09 -2.35 -15.62
N LEU A 16 2.40 -2.40 -14.34
CA LEU A 16 1.44 -2.07 -13.30
C LEU A 16 0.59 -0.87 -13.69
N SER A 17 1.16 -0.01 -14.53
CA SER A 17 0.45 1.17 -15.02
C SER A 17 -0.48 0.79 -16.17
N SER A 18 -1.04 -0.42 -16.09
CA SER A 18 -1.94 -0.94 -17.12
C SER A 18 -2.84 -2.02 -16.53
N MET A 19 -2.27 -2.87 -15.69
CA MET A 19 -3.02 -3.93 -15.03
C MET A 19 -3.55 -3.41 -13.70
N THR A 20 -2.87 -2.38 -13.23
CA THR A 20 -3.20 -1.65 -12.00
C THR A 20 -4.12 -2.41 -11.05
N GLU A 21 -5.38 -2.50 -11.42
CA GLU A 21 -6.38 -3.14 -10.57
C GLU A 21 -6.05 -4.61 -10.34
N GLU A 22 -5.97 -5.37 -11.41
CA GLU A 22 -5.70 -6.80 -11.31
C GLU A 22 -4.25 -7.11 -10.92
N GLU A 23 -3.34 -6.23 -11.31
CA GLU A 23 -1.92 -6.43 -11.00
C GLU A 23 -1.61 -5.98 -9.58
N GLN A 24 -2.38 -5.02 -9.10
CA GLN A 24 -2.18 -4.50 -7.76
C GLN A 24 -3.06 -5.22 -6.77
N ILE A 25 -4.04 -5.96 -7.26
CA ILE A 25 -4.93 -6.71 -6.38
C ILE A 25 -4.38 -8.11 -6.23
N ALA A 26 -3.78 -8.56 -7.31
CA ALA A 26 -3.15 -9.86 -7.40
C ALA A 26 -1.85 -9.82 -6.64
N TYR A 27 -1.07 -8.79 -6.94
CA TYR A 27 0.21 -8.58 -6.29
C TYR A 27 -0.01 -8.13 -4.85
N ALA A 28 -0.98 -7.25 -4.64
CA ALA A 28 -1.27 -6.76 -3.31
C ALA A 28 -1.53 -7.89 -2.36
N MET A 29 -2.43 -8.79 -2.73
CA MET A 29 -2.75 -9.90 -1.85
C MET A 29 -1.53 -10.78 -1.59
N GLN A 30 -0.86 -11.16 -2.68
CA GLN A 30 0.33 -12.01 -2.58
C GLN A 30 1.29 -11.53 -1.49
N MET A 31 1.48 -10.22 -1.40
CA MET A 31 2.38 -9.65 -0.40
C MET A 31 1.62 -9.08 0.78
N SER A 32 0.29 -9.04 0.64
CA SER A 32 -0.56 -8.56 1.70
C SER A 32 -0.39 -9.47 2.88
N LEU A 33 -0.11 -10.73 2.55
CA LEU A 33 0.11 -11.74 3.56
C LEU A 33 1.58 -11.79 3.94
N GLN A 34 2.26 -10.65 3.83
CA GLN A 34 3.68 -10.57 4.17
C GLN A 34 3.89 -9.65 5.37
N GLY A 35 2.81 -9.43 6.13
CA GLY A 35 2.90 -8.57 7.29
C GLY A 35 2.72 -9.33 8.59
N ALA A 36 1.70 -10.18 8.63
CA ALA A 36 1.40 -10.98 9.82
C ALA A 36 1.42 -12.47 9.50
N GLU A 37 0.43 -12.91 8.71
CA GLU A 37 0.33 -14.31 8.33
C GLU A 37 -0.19 -15.15 9.48
N PHE A 38 -1.46 -15.56 9.40
CA PHE A 38 -2.08 -16.37 10.44
C PHE A 38 -1.20 -17.57 10.79
N GLY A 39 -1.12 -18.52 9.87
CA GLY A 39 -0.32 -19.70 10.10
C GLY A 39 0.58 -20.03 8.92
N MET B 1 6.83 15.78 13.19
CA MET B 1 6.39 15.11 14.45
C MET B 1 5.37 14.01 14.18
N ALA B 2 5.81 12.97 13.47
CA ALA B 2 4.94 11.85 13.15
C ALA B 2 5.70 10.53 13.18
N VAL B 3 4.97 9.44 13.02
CA VAL B 3 5.58 8.12 13.01
C VAL B 3 5.99 7.74 11.59
N THR B 4 6.42 6.51 11.39
CA THR B 4 6.84 6.07 10.05
C THR B 4 6.13 4.77 9.61
N ILE B 5 4.99 4.87 8.90
CA ILE B 5 4.29 3.68 8.42
C ILE B 5 5.24 2.85 7.54
N THR B 6 4.79 1.64 7.19
CA THR B 6 5.56 0.75 6.31
C THR B 6 4.61 0.20 5.26
N LEU B 7 5.11 -0.18 4.07
CA LEU B 7 4.23 -0.71 3.04
C LEU B 7 4.94 -1.60 2.04
N LYS B 8 4.14 -2.34 1.24
CA LYS B 8 4.69 -3.20 0.21
C LYS B 8 3.99 -2.93 -1.10
N THR B 9 4.69 -2.23 -1.99
CA THR B 9 4.12 -1.89 -3.29
C THR B 9 4.13 -3.08 -4.24
N LEU B 10 3.04 -3.88 -4.28
CA LEU B 10 2.91 -5.06 -5.15
C LEU B 10 4.10 -5.30 -6.09
N GLN B 11 4.58 -4.27 -6.80
CA GLN B 11 5.71 -4.42 -7.71
C GLN B 11 6.95 -5.01 -7.01
N GLN B 12 6.91 -5.19 -5.67
CA GLN B 12 8.04 -5.75 -4.92
C GLN B 12 8.83 -4.65 -4.20
N GLN B 13 8.52 -3.36 -4.45
CA GLN B 13 9.25 -2.28 -3.78
C GLN B 13 8.78 -2.09 -2.35
N THR B 14 9.57 -2.59 -1.40
CA THR B 14 9.24 -2.45 0.00
C THR B 14 9.67 -1.07 0.50
N PHE B 15 8.71 -0.23 0.84
CA PHE B 15 9.02 1.12 1.32
C PHE B 15 8.00 1.59 2.35
N LYS B 16 8.40 2.56 3.16
CA LYS B 16 7.54 3.10 4.19
C LYS B 16 7.12 4.53 3.88
N ILE B 17 6.18 5.05 4.67
CA ILE B 17 5.69 6.42 4.49
C ILE B 17 5.64 7.11 5.86
N ARG B 18 5.98 8.40 5.97
CA ARG B 18 5.94 9.05 7.28
C ARG B 18 4.67 8.64 8.02
N MET B 19 3.56 9.20 7.62
CA MET B 19 2.27 8.87 8.20
C MET B 19 2.13 9.32 9.65
N GLU B 20 0.95 9.07 10.20
CA GLU B 20 0.63 9.40 11.57
C GLU B 20 -0.36 8.38 12.12
N PRO B 21 -0.24 8.00 13.40
CA PRO B 21 -1.13 7.01 14.02
C PRO B 21 -2.54 7.52 14.25
N ASP B 22 -2.87 8.68 13.69
CA ASP B 22 -4.20 9.24 13.87
C ASP B 22 -4.89 9.50 12.53
N GLU B 23 -4.13 9.91 11.51
CA GLU B 23 -4.72 10.17 10.21
C GLU B 23 -5.63 9.02 9.78
N THR B 24 -6.31 9.20 8.67
CA THR B 24 -7.22 8.19 8.16
C THR B 24 -6.61 7.42 6.99
N VAL B 25 -5.29 7.25 7.02
CA VAL B 25 -4.57 6.54 5.96
C VAL B 25 -4.77 7.16 4.57
N LYS B 26 -5.66 8.16 4.43
CA LYS B 26 -5.87 8.81 3.14
C LYS B 26 -4.66 9.67 2.79
N VAL B 27 -4.21 10.43 3.79
CA VAL B 27 -3.04 11.28 3.62
C VAL B 27 -1.92 10.42 3.07
N LEU B 28 -1.84 9.21 3.61
CA LEU B 28 -0.84 8.27 3.16
C LEU B 28 -1.00 8.05 1.68
N LYS B 29 -2.24 7.87 1.29
CA LYS B 29 -2.55 7.65 -0.11
C LYS B 29 -1.99 8.77 -0.96
N GLU B 30 -1.97 9.97 -0.40
CA GLU B 30 -1.42 11.11 -1.11
C GLU B 30 0.09 10.93 -1.30
N LYS B 31 0.77 10.41 -0.28
CA LYS B 31 2.22 10.19 -0.38
C LYS B 31 2.57 9.06 -1.35
N ILE B 32 2.13 7.87 -1.01
CA ILE B 32 2.38 6.69 -1.84
C ILE B 32 1.98 6.94 -3.28
N GLU B 33 0.84 7.60 -3.47
CA GLU B 33 0.36 7.93 -4.81
C GLU B 33 1.33 8.89 -5.48
N ALA B 34 1.91 9.77 -4.67
CA ALA B 34 2.86 10.75 -5.17
C ALA B 34 4.14 10.05 -5.62
N GLU B 35 4.38 8.88 -5.05
CA GLU B 35 5.57 8.09 -5.38
C GLU B 35 5.36 7.24 -6.64
N LYS B 36 4.18 6.65 -6.78
CA LYS B 36 3.87 5.82 -7.93
C LYS B 36 3.14 6.60 -9.03
N GLY B 37 2.00 7.16 -8.67
CA GLY B 37 1.23 7.92 -9.64
C GLY B 37 -0.26 7.96 -9.31
N ARG B 38 -0.98 8.86 -9.97
CA ARG B 38 -2.42 8.99 -9.75
C ARG B 38 -3.18 7.92 -10.52
N ASP B 39 -2.45 7.09 -11.26
CA ASP B 39 -3.07 6.02 -12.03
C ASP B 39 -2.82 4.67 -11.37
N ALA B 40 -1.63 4.53 -10.80
CA ALA B 40 -1.26 3.29 -10.13
C ALA B 40 -1.79 3.24 -8.69
N PHE B 41 -1.67 4.35 -7.95
CA PHE B 41 -2.19 4.40 -6.57
C PHE B 41 -3.03 5.65 -6.33
N PRO B 42 -4.02 5.91 -7.18
CA PRO B 42 -4.91 7.07 -7.04
C PRO B 42 -5.47 7.14 -5.63
N VAL B 43 -5.15 8.22 -4.92
CA VAL B 43 -5.60 8.43 -3.55
C VAL B 43 -6.93 7.74 -3.27
N ALA B 44 -7.81 7.77 -4.26
CA ALA B 44 -9.12 7.16 -4.12
C ALA B 44 -9.01 5.65 -3.91
N GLY B 45 -8.83 4.92 -5.01
CA GLY B 45 -8.72 3.47 -4.94
C GLY B 45 -7.75 2.99 -3.88
N GLN B 46 -6.85 3.87 -3.44
CA GLN B 46 -5.87 3.52 -2.43
C GLN B 46 -6.49 2.69 -1.30
N LYS B 47 -5.98 1.47 -1.16
CA LYS B 47 -6.42 0.52 -0.15
C LYS B 47 -5.26 -0.41 0.18
N LEU B 48 -4.85 -0.41 1.44
CA LEU B 48 -3.73 -1.25 1.86
C LEU B 48 -4.21 -2.55 2.50
N ILE B 49 -3.29 -3.48 2.74
CA ILE B 49 -3.65 -4.76 3.37
C ILE B 49 -2.79 -4.99 4.59
N TYR B 50 -3.41 -4.90 5.75
CA TYR B 50 -2.69 -5.14 6.98
C TYR B 50 -3.23 -6.36 7.68
N ALA B 51 -2.58 -7.51 7.45
CA ALA B 51 -3.01 -8.76 8.04
C ALA B 51 -4.36 -9.18 7.46
N GLY B 52 -4.53 -8.94 6.16
CA GLY B 52 -5.77 -9.29 5.50
C GLY B 52 -6.84 -8.23 5.71
N LYS B 53 -6.51 -7.21 6.48
CA LYS B 53 -7.43 -6.11 6.78
C LYS B 53 -7.29 -4.97 5.77
N ILE B 54 -8.07 -4.96 4.67
CA ILE B 54 -7.95 -3.88 3.71
C ILE B 54 -8.35 -2.55 4.35
N LEU B 55 -7.38 -1.65 4.48
CA LEU B 55 -7.62 -0.34 5.05
C LEU B 55 -7.88 0.67 3.95
N SER B 56 -9.16 1.04 3.79
CA SER B 56 -9.53 2.00 2.77
C SER B 56 -8.99 3.39 3.14
N ASP B 57 -8.62 4.22 2.16
CA ASP B 57 -8.09 5.54 2.47
C ASP B 57 -8.95 6.32 3.47
N ASP B 58 -10.21 5.90 3.69
CA ASP B 58 -11.07 6.62 4.63
C ASP B 58 -11.14 5.94 6.00
N VAL B 59 -10.09 5.19 6.35
CA VAL B 59 -10.03 4.52 7.65
C VAL B 59 -8.80 4.98 8.40
N PRO B 60 -8.72 4.79 9.73
CA PRO B 60 -7.56 5.23 10.49
C PRO B 60 -6.40 4.24 10.41
N ILE B 61 -5.23 4.78 10.05
CA ILE B 61 -4.02 3.97 9.91
C ILE B 61 -3.71 3.25 11.22
N ARG B 62 -3.99 3.92 12.34
CA ARG B 62 -3.75 3.35 13.66
C ARG B 62 -4.66 2.15 13.89
N ASP B 63 -5.81 2.17 13.23
CA ASP B 63 -6.76 1.08 13.34
C ASP B 63 -6.13 -0.21 12.80
N TYR B 64 -5.09 -0.05 11.98
CA TYR B 64 -4.41 -1.18 11.37
C TYR B 64 -2.97 -1.30 11.89
N ARG B 65 -2.74 -0.75 13.08
CA ARG B 65 -1.43 -0.79 13.73
C ARG B 65 -0.28 -0.96 12.74
N ILE B 66 -0.34 -0.26 11.61
CA ILE B 66 0.73 -0.34 10.61
C ILE B 66 2.00 0.27 11.18
N ASP B 67 2.84 -0.58 11.76
CA ASP B 67 4.08 -0.12 12.37
C ASP B 67 5.25 -0.12 11.39
N GLU B 68 6.30 0.61 11.74
CA GLU B 68 7.50 0.73 10.91
C GLU B 68 8.08 -0.64 10.58
N LYS B 69 8.07 -1.54 11.57
CA LYS B 69 8.60 -2.89 11.38
C LYS B 69 7.65 -3.75 10.54
N ASN B 70 6.39 -3.37 10.50
CA ASN B 70 5.39 -4.13 9.74
C ASN B 70 4.83 -3.31 8.58
N PHE B 71 4.92 -3.85 7.37
CA PHE B 71 4.40 -3.13 6.21
C PHE B 71 3.02 -3.60 5.80
N VAL B 72 2.32 -2.66 5.21
CA VAL B 72 0.99 -2.88 4.71
C VAL B 72 1.02 -2.72 3.18
N VAL B 73 0.66 -3.76 2.46
CA VAL B 73 0.70 -3.72 1.01
C VAL B 73 -0.22 -2.63 0.46
N VAL B 74 0.33 -1.80 -0.41
CA VAL B 74 -0.44 -0.74 -1.04
C VAL B 74 -1.15 -1.29 -2.27
N MET B 75 -2.48 -1.20 -2.28
CA MET B 75 -3.29 -1.74 -3.36
C MET B 75 -4.33 -0.74 -3.84
N VAL B 76 -4.27 -0.38 -5.11
CA VAL B 76 -5.22 0.58 -5.65
C VAL B 76 -5.86 0.08 -6.95
N THR B 77 -7.07 0.56 -7.22
CA THR B 77 -7.81 0.18 -8.41
C THR B 77 -7.86 1.33 -9.41
N LYS B 78 -8.53 1.10 -10.53
CA LYS B 78 -8.66 2.13 -11.57
C LYS B 78 -7.30 2.57 -12.08
N PHE A 8 16.47 -10.92 -18.71
CA PHE A 8 16.23 -9.81 -17.77
C PHE A 8 14.75 -9.43 -17.76
N GLY A 9 14.07 -9.74 -16.66
CA GLY A 9 12.66 -9.41 -16.54
C GLY A 9 11.88 -9.80 -17.77
N ARG A 10 12.39 -10.78 -18.52
CA ARG A 10 11.73 -11.25 -19.73
C ARG A 10 10.74 -12.36 -19.41
N THR A 11 10.88 -12.95 -18.23
CA THR A 11 10.00 -14.04 -17.81
C THR A 11 8.55 -13.72 -18.16
N GLY A 12 8.08 -12.56 -17.72
CA GLY A 12 6.71 -12.17 -17.99
C GLY A 12 6.42 -10.74 -17.57
N LEU A 13 7.46 -9.90 -17.57
CA LEU A 13 7.32 -8.50 -17.19
C LEU A 13 5.96 -7.95 -17.63
N PRO A 14 4.94 -8.04 -16.76
CA PRO A 14 3.60 -7.56 -17.06
C PRO A 14 3.52 -6.03 -17.12
N ASP A 15 2.44 -5.53 -17.70
CA ASP A 15 2.23 -4.10 -17.81
C ASP A 15 1.36 -3.58 -16.66
N LEU A 16 1.96 -3.52 -15.47
CA LEU A 16 1.26 -3.06 -14.29
C LEU A 16 0.66 -1.70 -14.52
N SER A 17 1.18 -1.01 -15.51
CA SER A 17 0.67 0.31 -15.87
C SER A 17 -0.52 0.14 -16.80
N SER A 18 -1.33 -0.87 -16.51
CA SER A 18 -2.52 -1.19 -17.29
C SER A 18 -3.42 -2.17 -16.54
N MET A 19 -2.83 -3.21 -15.93
CA MET A 19 -3.60 -4.17 -15.15
C MET A 19 -3.82 -3.59 -13.75
N THR A 20 -2.96 -2.65 -13.41
CA THR A 20 -2.99 -1.90 -12.15
C THR A 20 -3.95 -2.45 -11.10
N GLU A 21 -5.23 -2.35 -11.36
CA GLU A 21 -6.22 -2.81 -10.40
C GLU A 21 -6.05 -4.28 -10.08
N GLU A 22 -6.16 -5.12 -11.09
CA GLU A 22 -6.04 -6.56 -10.91
C GLU A 22 -4.61 -7.01 -10.64
N GLU A 23 -3.64 -6.26 -11.13
CA GLU A 23 -2.23 -6.59 -10.94
C GLU A 23 -1.74 -6.14 -9.58
N GLN A 24 -2.33 -5.08 -9.08
CA GLN A 24 -1.96 -4.52 -7.80
C GLN A 24 -2.82 -5.10 -6.69
N ILE A 25 -3.93 -5.72 -7.05
CA ILE A 25 -4.82 -6.32 -6.08
C ILE A 25 -4.46 -7.77 -5.92
N ALA A 26 -4.04 -8.34 -7.02
CA ALA A 26 -3.60 -9.71 -7.08
C ALA A 26 -2.22 -9.82 -6.45
N TYR A 27 -1.35 -8.94 -6.92
CA TYR A 27 0.00 -8.88 -6.42
C TYR A 27 -0.04 -8.40 -4.98
N ALA A 28 -0.84 -7.36 -4.73
CA ALA A 28 -0.95 -6.84 -3.39
C ALA A 28 -1.26 -7.96 -2.44
N MET A 29 -2.39 -8.62 -2.64
CA MET A 29 -2.79 -9.71 -1.75
C MET A 29 -1.61 -10.63 -1.42
N GLN A 30 -0.93 -11.08 -2.47
CA GLN A 30 0.22 -11.97 -2.31
C GLN A 30 1.16 -11.48 -1.21
N MET A 31 1.58 -10.22 -1.31
CA MET A 31 2.49 -9.63 -0.33
C MET A 31 1.72 -8.89 0.77
N SER A 32 0.40 -8.92 0.66
CA SER A 32 -0.47 -8.27 1.64
C SER A 32 -0.41 -9.05 2.90
N LEU A 33 -0.23 -10.35 2.73
CA LEU A 33 -0.13 -11.24 3.87
C LEU A 33 1.20 -11.03 4.59
N GLN A 34 2.03 -10.08 4.11
CA GLN A 34 3.32 -9.78 4.73
C GLN A 34 3.89 -11.01 5.45
N GLY A 35 3.71 -12.18 4.85
CA GLY A 35 4.22 -13.40 5.45
C GLY A 35 3.25 -14.00 6.46
N ALA A 36 2.56 -13.14 7.21
CA ALA A 36 1.61 -13.59 8.21
C ALA A 36 2.22 -14.66 9.12
N GLU A 37 3.52 -14.52 9.39
CA GLU A 37 4.22 -15.47 10.24
C GLU A 37 3.65 -15.46 11.65
N PHE A 38 3.14 -14.30 12.07
CA PHE A 38 2.56 -14.16 13.41
C PHE A 38 1.20 -13.48 13.35
N GLY A 39 0.29 -14.07 12.57
CA GLY A 39 -1.04 -13.50 12.44
C GLY A 39 -1.41 -13.22 11.00
N MET B 1 8.12 14.30 14.47
CA MET B 1 6.81 14.41 15.14
C MET B 1 5.97 13.15 14.94
N ALA B 2 5.66 12.86 13.68
CA ALA B 2 4.86 11.69 13.34
C ALA B 2 5.72 10.43 13.35
N VAL B 3 5.07 9.27 13.17
CA VAL B 3 5.78 8.00 13.15
C VAL B 3 6.21 7.66 11.73
N THR B 4 6.65 6.43 11.51
CA THR B 4 7.10 6.01 10.18
C THR B 4 6.38 4.73 9.70
N ILE B 5 5.25 4.85 8.96
CA ILE B 5 4.56 3.67 8.47
C ILE B 5 5.49 2.88 7.52
N THR B 6 5.04 1.71 7.09
CA THR B 6 5.81 0.87 6.16
C THR B 6 4.85 0.09 5.26
N LEU B 7 5.02 0.22 3.94
CA LEU B 7 4.14 -0.48 3.00
C LEU B 7 4.93 -1.24 1.93
N LYS B 8 4.21 -2.09 1.19
CA LYS B 8 4.82 -2.86 0.12
C LYS B 8 4.11 -2.58 -1.20
N THR B 9 4.86 -2.16 -2.20
CA THR B 9 4.30 -1.86 -3.52
C THR B 9 4.60 -3.01 -4.48
N LEU B 10 3.71 -4.03 -4.57
CA LEU B 10 3.89 -5.19 -5.44
C LEU B 10 4.97 -5.03 -6.52
N GLN B 11 5.10 -3.85 -7.10
CA GLN B 11 6.12 -3.61 -8.11
C GLN B 11 7.53 -4.01 -7.62
N GLN B 12 7.67 -4.39 -6.32
CA GLN B 12 8.94 -4.79 -5.72
C GLN B 12 9.52 -3.69 -4.82
N GLN B 13 8.95 -2.48 -4.86
CA GLN B 13 9.44 -1.39 -4.03
C GLN B 13 8.95 -1.47 -2.60
N THR B 14 9.81 -1.97 -1.71
CA THR B 14 9.47 -2.06 -0.30
C THR B 14 9.90 -0.76 0.35
N PHE B 15 8.95 0.05 0.80
CA PHE B 15 9.29 1.34 1.38
C PHE B 15 8.44 1.67 2.60
N LYS B 16 8.50 2.93 3.02
CA LYS B 16 7.74 3.39 4.17
C LYS B 16 7.19 4.79 3.93
N ILE B 17 6.25 5.22 4.77
CA ILE B 17 5.64 6.54 4.67
C ILE B 17 5.49 7.15 6.07
N ARG B 18 6.14 8.30 6.39
CA ARG B 18 6.01 8.91 7.73
C ARG B 18 4.68 8.53 8.36
N MET B 19 3.62 9.08 7.81
CA MET B 19 2.27 8.81 8.29
C MET B 19 2.02 9.33 9.69
N GLU B 20 0.77 9.16 10.13
CA GLU B 20 0.35 9.60 11.45
C GLU B 20 -0.54 8.53 12.08
N PRO B 21 -0.10 7.94 13.20
CA PRO B 21 -0.86 6.89 13.89
C PRO B 21 -2.32 7.23 14.10
N ASP B 22 -2.67 8.52 13.98
CA ASP B 22 -4.05 8.94 14.17
C ASP B 22 -4.73 9.30 12.86
N GLU B 23 -3.94 9.70 11.86
CA GLU B 23 -4.50 10.08 10.57
C GLU B 23 -5.45 8.99 10.08
N THR B 24 -6.10 9.25 8.95
CA THR B 24 -7.06 8.31 8.39
C THR B 24 -6.48 7.57 7.18
N VAL B 25 -5.18 7.29 7.21
CA VAL B 25 -4.50 6.59 6.12
C VAL B 25 -4.67 7.28 4.75
N LYS B 26 -5.49 8.34 4.65
CA LYS B 26 -5.67 9.04 3.38
C LYS B 26 -4.43 9.84 3.02
N VAL B 27 -3.92 10.58 4.00
CA VAL B 27 -2.71 11.36 3.78
C VAL B 27 -1.64 10.43 3.25
N LEU B 28 -1.67 9.21 3.75
CA LEU B 28 -0.74 8.19 3.31
C LEU B 28 -0.94 7.96 1.84
N LYS B 29 -2.20 7.86 1.48
CA LYS B 29 -2.58 7.61 0.11
C LYS B 29 -2.05 8.71 -0.79
N GLU B 30 -1.83 9.87 -0.19
CA GLU B 30 -1.30 11.01 -0.90
C GLU B 30 0.20 10.82 -1.15
N LYS B 31 0.92 10.29 -0.15
CA LYS B 31 2.36 10.07 -0.28
C LYS B 31 2.67 8.93 -1.23
N ILE B 32 2.07 7.77 -0.95
CA ILE B 32 2.27 6.58 -1.75
C ILE B 32 1.82 6.80 -3.19
N GLU B 33 0.67 7.45 -3.36
CA GLU B 33 0.15 7.71 -4.69
C GLU B 33 1.09 8.64 -5.44
N ALA B 34 1.67 9.59 -4.71
CA ALA B 34 2.59 10.55 -5.29
C ALA B 34 3.94 9.89 -5.59
N GLU B 35 4.19 8.76 -4.92
CA GLU B 35 5.44 8.04 -5.07
C GLU B 35 5.39 7.07 -6.27
N LYS B 36 4.25 6.44 -6.47
CA LYS B 36 4.07 5.48 -7.55
C LYS B 36 3.38 6.09 -8.77
N GLY B 37 2.17 6.61 -8.57
CA GLY B 37 1.43 7.20 -9.66
C GLY B 37 -0.04 7.41 -9.32
N ARG B 38 -0.67 8.36 -10.01
CA ARG B 38 -2.08 8.65 -9.78
C ARG B 38 -2.96 7.68 -10.56
N ASP B 39 -2.33 6.73 -11.23
CA ASP B 39 -3.05 5.72 -12.00
C ASP B 39 -2.93 4.38 -11.30
N ALA B 40 -1.73 4.09 -10.84
CA ALA B 40 -1.45 2.84 -10.16
C ALA B 40 -1.72 2.91 -8.64
N PHE B 41 -1.91 4.13 -8.09
CA PHE B 41 -2.21 4.29 -6.65
C PHE B 41 -3.11 5.50 -6.40
N PRO B 42 -4.11 5.73 -7.26
CA PRO B 42 -5.02 6.86 -7.13
C PRO B 42 -5.72 6.88 -5.76
N VAL B 43 -5.32 7.84 -4.93
CA VAL B 43 -5.87 7.98 -3.58
C VAL B 43 -7.31 7.47 -3.51
N ALA B 44 -8.09 7.77 -4.54
CA ALA B 44 -9.48 7.34 -4.58
C ALA B 44 -9.57 5.85 -4.24
N GLY B 45 -9.04 5.02 -5.14
CA GLY B 45 -9.04 3.59 -4.92
C GLY B 45 -7.81 3.13 -4.20
N GLN B 46 -7.20 4.05 -3.46
CA GLN B 46 -6.01 3.77 -2.73
C GLN B 46 -6.33 3.04 -1.42
N LYS B 47 -6.17 1.72 -1.47
CA LYS B 47 -6.41 0.86 -0.31
C LYS B 47 -5.09 0.26 0.17
N LEU B 48 -5.12 -0.38 1.33
CA LEU B 48 -3.92 -1.01 1.89
C LEU B 48 -4.29 -2.33 2.57
N ILE B 49 -3.33 -3.24 2.73
CA ILE B 49 -3.62 -4.52 3.36
C ILE B 49 -2.73 -4.79 4.55
N TYR B 50 -3.34 -4.81 5.72
CA TYR B 50 -2.61 -5.09 6.93
C TYR B 50 -3.16 -6.32 7.63
N ALA B 51 -2.46 -7.44 7.50
CA ALA B 51 -2.92 -8.67 8.11
C ALA B 51 -4.16 -9.18 7.40
N GLY B 52 -4.25 -8.90 6.11
CA GLY B 52 -5.40 -9.32 5.32
C GLY B 52 -6.57 -8.37 5.51
N LYS B 53 -6.36 -7.32 6.30
CA LYS B 53 -7.40 -6.33 6.58
C LYS B 53 -7.29 -5.12 5.63
N ILE B 54 -8.08 -5.05 4.55
CA ILE B 54 -8.01 -3.91 3.65
C ILE B 54 -8.27 -2.62 4.43
N LEU B 55 -7.69 -1.52 3.97
CA LEU B 55 -7.87 -0.22 4.61
C LEU B 55 -8.07 0.85 3.56
N SER B 56 -9.26 1.40 3.52
CA SER B 56 -9.59 2.44 2.56
C SER B 56 -9.00 3.79 3.00
N ASP B 57 -8.42 4.59 2.08
CA ASP B 57 -7.86 5.88 2.47
C ASP B 57 -8.71 6.64 3.50
N ASP B 58 -10.00 6.33 3.61
CA ASP B 58 -10.87 7.02 4.55
C ASP B 58 -11.02 6.26 5.89
N VAL B 59 -10.00 5.50 6.26
CA VAL B 59 -10.01 4.75 7.51
C VAL B 59 -8.77 5.13 8.32
N PRO B 60 -8.72 4.83 9.63
CA PRO B 60 -7.56 5.19 10.45
C PRO B 60 -6.44 4.16 10.36
N ILE B 61 -5.24 4.68 10.09
CA ILE B 61 -4.05 3.84 9.96
C ILE B 61 -3.81 3.06 11.26
N ARG B 62 -4.13 3.70 12.38
CA ARG B 62 -3.97 3.08 13.69
C ARG B 62 -4.92 1.90 13.83
N ASP B 63 -6.04 1.97 13.13
CA ASP B 63 -7.03 0.91 13.16
C ASP B 63 -6.41 -0.37 12.58
N TYR B 64 -5.35 -0.20 11.80
CA TYR B 64 -4.66 -1.33 11.19
C TYR B 64 -3.25 -1.49 11.75
N ARG B 65 -3.06 -1.02 12.98
CA ARG B 65 -1.77 -1.11 13.66
C ARG B 65 -0.60 -1.17 12.68
N ILE B 66 -0.66 -0.39 11.62
CA ILE B 66 0.42 -0.37 10.63
C ILE B 66 1.69 0.18 11.26
N ASP B 67 2.53 -0.72 11.75
CA ASP B 67 3.77 -0.34 12.42
C ASP B 67 4.95 -0.36 11.45
N GLU B 68 6.04 0.31 11.82
CA GLU B 68 7.23 0.35 10.98
C GLU B 68 7.85 -1.03 10.84
N LYS B 69 7.95 -1.76 11.95
CA LYS B 69 8.52 -3.10 11.94
C LYS B 69 7.77 -3.98 10.95
N ASN B 70 6.48 -3.70 10.76
CA ASN B 70 5.65 -4.44 9.83
C ASN B 70 5.22 -3.52 8.70
N PHE B 71 4.51 -4.04 7.71
CA PHE B 71 4.07 -3.20 6.63
C PHE B 71 2.70 -3.61 6.10
N VAL B 72 2.14 -2.72 5.30
CA VAL B 72 0.86 -2.90 4.68
C VAL B 72 1.00 -2.78 3.17
N VAL B 73 0.39 -3.69 2.43
CA VAL B 73 0.50 -3.68 0.99
C VAL B 73 -0.45 -2.66 0.36
N VAL B 74 0.12 -1.73 -0.40
CA VAL B 74 -0.69 -0.70 -1.06
C VAL B 74 -1.31 -1.24 -2.34
N MET B 75 -2.64 -1.37 -2.34
CA MET B 75 -3.38 -1.88 -3.49
C MET B 75 -4.43 -0.88 -3.96
N VAL B 76 -4.41 -0.56 -5.25
CA VAL B 76 -5.38 0.39 -5.79
C VAL B 76 -5.95 -0.08 -7.13
N THR B 77 -7.24 0.15 -7.32
CA THR B 77 -7.92 -0.24 -8.55
C THR B 77 -8.67 0.93 -9.15
N LYS B 78 -8.35 1.26 -10.41
CA LYS B 78 -9.00 2.37 -11.10
C LYS B 78 -8.48 2.51 -12.51
N PHE A 8 16.02 6.79 -5.91
CA PHE A 8 16.93 5.66 -6.00
C PHE A 8 16.54 4.74 -7.15
N GLY A 9 15.35 4.14 -7.05
CA GLY A 9 14.88 3.25 -8.08
C GLY A 9 13.76 3.84 -8.91
N ARG A 10 13.78 5.16 -9.06
CA ARG A 10 12.75 5.86 -9.82
C ARG A 10 12.81 5.47 -11.30
N THR A 11 13.88 4.77 -11.68
CA THR A 11 14.05 4.34 -13.06
C THR A 11 13.62 2.89 -13.23
N GLY A 12 12.32 2.63 -13.09
CA GLY A 12 11.81 1.28 -13.23
C GLY A 12 10.37 1.15 -12.78
N LEU A 13 10.12 1.34 -11.49
CA LEU A 13 8.78 1.24 -10.95
C LEU A 13 8.16 -0.11 -11.30
N PRO A 14 7.08 -0.50 -10.61
CA PRO A 14 6.40 -1.77 -10.85
C PRO A 14 5.54 -1.73 -12.10
N ASP A 15 4.83 -0.62 -12.29
CA ASP A 15 3.95 -0.43 -13.43
C ASP A 15 3.51 -1.77 -14.02
N LEU A 16 2.41 -2.28 -13.51
CA LEU A 16 1.88 -3.56 -13.98
C LEU A 16 1.41 -3.44 -15.43
N SER A 17 1.37 -2.20 -15.92
CA SER A 17 0.93 -1.92 -17.28
C SER A 17 -0.56 -1.65 -17.31
N SER A 18 -1.06 -1.00 -16.27
CA SER A 18 -2.49 -0.68 -16.19
C SER A 18 -3.34 -1.89 -15.83
N MET A 19 -2.74 -2.91 -15.21
CA MET A 19 -3.49 -4.09 -14.80
C MET A 19 -4.42 -3.75 -13.63
N THR A 20 -4.23 -2.53 -13.14
CA THR A 20 -5.03 -1.97 -12.05
C THR A 20 -5.70 -3.03 -11.16
N GLU A 21 -7.02 -3.04 -11.11
CA GLU A 21 -7.78 -3.98 -10.27
C GLU A 21 -7.06 -5.29 -9.97
N GLU A 22 -6.88 -6.09 -11.01
CA GLU A 22 -6.26 -7.41 -10.88
C GLU A 22 -4.81 -7.32 -10.45
N GLU A 23 -4.16 -6.25 -10.84
CA GLU A 23 -2.75 -6.05 -10.52
C GLU A 23 -2.55 -5.75 -9.04
N GLN A 24 -3.37 -4.87 -8.55
CA GLN A 24 -3.28 -4.43 -7.17
C GLN A 24 -4.02 -5.37 -6.25
N ILE A 25 -4.86 -6.22 -6.78
CA ILE A 25 -5.60 -7.16 -5.96
C ILE A 25 -4.86 -8.47 -5.90
N ALA A 26 -4.22 -8.78 -7.00
CA ALA A 26 -3.44 -9.98 -7.15
C ALA A 26 -2.14 -9.83 -6.39
N TYR A 27 -1.56 -8.66 -6.55
CA TYR A 27 -0.32 -8.34 -5.89
C TYR A 27 -0.58 -7.93 -4.46
N ALA A 28 -1.66 -7.18 -4.24
CA ALA A 28 -1.99 -6.77 -2.89
C ALA A 28 -2.08 -7.95 -1.99
N MET A 29 -2.79 -8.98 -2.43
CA MET A 29 -2.95 -10.16 -1.58
C MET A 29 -1.63 -10.91 -1.43
N GLN A 30 -0.98 -11.21 -2.56
CA GLN A 30 0.29 -11.92 -2.57
C GLN A 30 1.29 -11.34 -1.56
N MET A 31 1.23 -10.02 -1.34
CA MET A 31 2.16 -9.36 -0.42
C MET A 31 1.42 -8.87 0.81
N SER A 32 0.10 -8.97 0.79
CA SER A 32 -0.69 -8.59 1.93
C SER A 32 -0.33 -9.52 3.04
N LEU A 33 0.04 -10.72 2.64
CA LEU A 33 0.43 -11.76 3.58
C LEU A 33 1.94 -11.72 3.81
N GLN A 34 2.55 -10.55 3.61
CA GLN A 34 3.98 -10.39 3.81
C GLN A 34 4.26 -9.83 5.20
N GLY A 35 3.33 -10.07 6.12
CA GLY A 35 3.48 -9.58 7.48
C GLY A 35 2.24 -9.82 8.32
N ALA A 36 1.90 -11.08 8.54
CA ALA A 36 0.74 -11.43 9.33
C ALA A 36 1.14 -12.11 10.63
N GLU A 37 1.28 -13.43 10.59
CA GLU A 37 1.65 -14.20 11.78
C GLU A 37 2.78 -13.51 12.53
N PHE A 38 3.98 -13.55 11.96
CA PHE A 38 5.14 -12.93 12.59
C PHE A 38 5.36 -13.47 14.00
N GLY A 39 6.07 -14.60 14.07
CA GLY A 39 6.34 -15.22 15.37
C GLY A 39 7.43 -14.49 16.13
N MET B 1 5.86 15.34 13.45
CA MET B 1 6.61 14.11 13.81
C MET B 1 5.96 12.88 13.17
N ALA B 2 4.90 12.38 13.82
CA ALA B 2 4.20 11.21 13.33
C ALA B 2 5.15 10.04 13.12
N VAL B 3 4.59 8.87 12.82
CA VAL B 3 5.39 7.68 12.59
C VAL B 3 5.69 7.49 11.10
N THR B 4 6.50 6.50 10.79
CA THR B 4 6.87 6.20 9.40
C THR B 4 6.23 4.90 8.92
N ILE B 5 5.01 4.95 8.36
CA ILE B 5 4.36 3.73 7.87
C ILE B 5 5.33 2.94 6.98
N THR B 6 5.05 1.66 6.78
CA THR B 6 5.86 0.81 5.91
C THR B 6 4.92 0.09 4.95
N LEU B 7 5.35 -0.14 3.72
CA LEU B 7 4.46 -0.79 2.75
C LEU B 7 5.20 -1.60 1.68
N LYS B 8 4.39 -2.31 0.89
CA LYS B 8 4.91 -3.13 -0.22
C LYS B 8 4.04 -2.87 -1.46
N THR B 9 4.62 -2.22 -2.48
CA THR B 9 3.87 -1.82 -3.69
C THR B 9 3.66 -2.90 -4.75
N LEU B 10 3.23 -4.08 -4.34
CA LEU B 10 2.94 -5.15 -5.30
C LEU B 10 4.20 -5.78 -5.92
N GLN B 11 5.28 -5.02 -6.07
CA GLN B 11 6.51 -5.55 -6.65
C GLN B 11 7.54 -5.92 -5.57
N GLN B 12 7.17 -5.79 -4.26
CA GLN B 12 8.10 -6.09 -3.18
C GLN B 12 8.80 -4.82 -2.72
N GLN B 13 8.60 -3.68 -3.44
CA GLN B 13 9.23 -2.44 -3.06
C GLN B 13 8.75 -2.03 -1.67
N THR B 14 9.60 -2.29 -0.69
CA THR B 14 9.29 -1.96 0.69
C THR B 14 9.55 -0.49 0.95
N PHE B 15 8.54 0.32 0.73
CA PHE B 15 8.67 1.77 0.94
C PHE B 15 7.77 2.25 2.07
N LYS B 16 8.31 3.13 2.90
CA LYS B 16 7.58 3.65 4.05
C LYS B 16 7.10 5.08 3.80
N ILE B 17 6.04 5.53 4.51
CA ILE B 17 5.54 6.87 4.34
C ILE B 17 5.55 7.60 5.69
N ARG B 18 5.41 8.93 5.66
CA ARG B 18 5.45 9.71 6.89
C ARG B 18 4.08 10.26 7.28
N MET B 19 3.17 9.38 7.70
CA MET B 19 1.85 9.83 8.13
C MET B 19 1.67 9.63 9.63
N GLU B 20 0.56 10.14 10.14
CA GLU B 20 0.24 10.00 11.56
C GLU B 20 -0.54 8.71 11.77
N PRO B 21 -0.16 7.92 12.78
CA PRO B 21 -0.82 6.64 13.07
C PRO B 21 -2.32 6.81 13.25
N ASP B 22 -2.72 7.91 13.88
CA ASP B 22 -4.14 8.17 14.13
C ASP B 22 -4.87 8.68 12.88
N GLU B 23 -4.14 9.17 11.88
CA GLU B 23 -4.79 9.67 10.68
C GLU B 23 -5.70 8.59 10.10
N THR B 24 -6.33 8.90 8.98
CA THR B 24 -7.26 7.95 8.35
C THR B 24 -6.64 7.30 7.11
N VAL B 25 -5.34 7.10 7.12
CA VAL B 25 -4.62 6.50 6.01
C VAL B 25 -4.86 7.24 4.66
N LYS B 26 -5.72 8.28 4.63
CA LYS B 26 -5.99 9.01 3.39
C LYS B 26 -4.85 9.97 3.07
N VAL B 27 -4.36 10.66 4.09
CA VAL B 27 -3.25 11.59 3.91
C VAL B 27 -2.09 10.82 3.31
N LEU B 28 -2.00 9.57 3.74
CA LEU B 28 -0.99 8.66 3.26
C LEU B 28 -1.18 8.45 1.77
N LYS B 29 -2.43 8.23 1.39
CA LYS B 29 -2.74 7.99 -0.01
C LYS B 29 -2.19 9.13 -0.86
N GLU B 30 -2.26 10.34 -0.32
CA GLU B 30 -1.75 11.52 -1.02
C GLU B 30 -0.23 11.42 -1.18
N LYS B 31 0.46 10.97 -0.13
CA LYS B 31 1.92 10.84 -0.17
C LYS B 31 2.37 9.72 -1.11
N ILE B 32 1.89 8.52 -0.85
CA ILE B 32 2.22 7.34 -1.63
C ILE B 32 1.89 7.54 -3.09
N GLU B 33 0.78 8.22 -3.36
CA GLU B 33 0.36 8.48 -4.71
C GLU B 33 1.28 9.50 -5.37
N ALA B 34 1.76 10.45 -4.56
CA ALA B 34 2.65 11.50 -5.06
C ALA B 34 4.07 10.96 -5.29
N GLU B 35 4.40 9.89 -4.58
CA GLU B 35 5.73 9.27 -4.67
C GLU B 35 5.79 8.25 -5.81
N LYS B 36 4.74 7.43 -5.94
CA LYS B 36 4.68 6.41 -6.96
C LYS B 36 4.02 6.91 -8.24
N GLY B 37 2.76 7.34 -8.12
CA GLY B 37 2.05 7.83 -9.28
C GLY B 37 0.56 8.01 -9.02
N ARG B 38 -0.05 8.95 -9.73
CA ARG B 38 -1.47 9.21 -9.60
C ARG B 38 -2.28 8.28 -10.49
N ASP B 39 -1.58 7.33 -11.11
CA ASP B 39 -2.22 6.35 -11.98
C ASP B 39 -2.14 4.98 -11.34
N ALA B 40 -0.97 4.67 -10.81
CA ALA B 40 -0.74 3.39 -10.16
C ALA B 40 -1.25 3.39 -8.71
N PHE B 41 -1.44 4.58 -8.12
CA PHE B 41 -1.94 4.66 -6.75
C PHE B 41 -2.74 5.93 -6.49
N PRO B 42 -3.71 6.25 -7.35
CA PRO B 42 -4.55 7.43 -7.18
C PRO B 42 -5.20 7.46 -5.80
N VAL B 43 -4.94 8.54 -5.05
CA VAL B 43 -5.48 8.68 -3.70
C VAL B 43 -6.85 8.01 -3.55
N ALA B 44 -7.68 8.14 -4.57
CA ALA B 44 -9.00 7.55 -4.55
C ALA B 44 -8.95 6.05 -4.27
N GLY B 45 -8.46 5.28 -5.23
CA GLY B 45 -8.36 3.84 -5.08
C GLY B 45 -7.28 3.40 -4.12
N GLN B 46 -6.57 4.35 -3.54
CA GLN B 46 -5.50 4.02 -2.61
C GLN B 46 -6.02 3.13 -1.48
N LYS B 47 -5.35 1.98 -1.32
CA LYS B 47 -5.69 0.99 -0.31
C LYS B 47 -4.45 0.23 0.13
N LEU B 48 -4.59 -0.65 1.11
CA LEU B 48 -3.45 -1.43 1.60
C LEU B 48 -3.93 -2.67 2.36
N ILE B 49 -3.08 -3.68 2.49
CA ILE B 49 -3.46 -4.89 3.23
C ILE B 49 -2.56 -5.13 4.42
N TYR B 50 -3.15 -5.17 5.60
CA TYR B 50 -2.39 -5.41 6.81
C TYR B 50 -2.96 -6.62 7.55
N ALA B 51 -2.31 -7.76 7.39
CA ALA B 51 -2.77 -8.99 8.03
C ALA B 51 -4.09 -9.44 7.41
N GLY B 52 -4.21 -9.25 6.10
CA GLY B 52 -5.43 -9.63 5.41
C GLY B 52 -6.52 -8.61 5.59
N LYS B 53 -6.23 -7.57 6.37
CA LYS B 53 -7.20 -6.51 6.64
C LYS B 53 -7.05 -5.34 5.64
N ILE B 54 -7.78 -5.34 4.52
CA ILE B 54 -7.68 -4.25 3.56
C ILE B 54 -8.02 -2.93 4.26
N LEU B 55 -7.41 -1.84 3.80
CA LEU B 55 -7.65 -0.52 4.38
C LEU B 55 -7.85 0.49 3.26
N SER B 56 -8.86 1.31 3.40
CA SER B 56 -9.17 2.31 2.40
C SER B 56 -8.73 3.71 2.87
N ASP B 57 -8.29 4.60 1.96
CA ASP B 57 -7.87 5.94 2.36
C ASP B 57 -8.78 6.55 3.44
N ASP B 58 -10.04 6.09 3.51
CA ASP B 58 -10.98 6.65 4.48
C ASP B 58 -11.09 5.80 5.75
N VAL B 59 -10.00 5.13 6.15
CA VAL B 59 -10.00 4.32 7.36
C VAL B 59 -8.78 4.70 8.19
N PRO B 60 -8.75 4.36 9.49
CA PRO B 60 -7.62 4.70 10.34
C PRO B 60 -6.44 3.75 10.18
N ILE B 61 -5.30 4.30 9.75
CA ILE B 61 -4.06 3.53 9.56
C ILE B 61 -3.68 2.85 10.86
N ARG B 62 -3.96 3.52 11.97
CA ARG B 62 -3.66 2.99 13.30
C ARG B 62 -4.53 1.77 13.58
N ASP B 63 -5.73 1.77 13.00
CA ASP B 63 -6.65 0.67 13.18
C ASP B 63 -6.05 -0.61 12.60
N TYR B 64 -5.15 -0.46 11.64
CA TYR B 64 -4.50 -1.60 11.01
C TYR B 64 -3.08 -1.79 11.56
N ARG B 65 -2.85 -1.30 12.77
CA ARG B 65 -1.55 -1.39 13.44
C ARG B 65 -0.40 -1.50 12.44
N ILE B 66 -0.40 -0.64 11.44
CA ILE B 66 0.68 -0.64 10.44
C ILE B 66 1.93 -0.01 11.03
N ASP B 67 2.78 -0.85 11.62
CA ASP B 67 4.01 -0.39 12.25
C ASP B 67 5.21 -0.53 11.33
N GLU B 68 6.23 0.29 11.58
CA GLU B 68 7.44 0.25 10.77
C GLU B 68 8.07 -1.14 10.82
N LYS B 69 8.13 -1.69 12.03
CA LYS B 69 8.69 -3.03 12.21
C LYS B 69 8.09 -3.98 11.18
N ASN B 70 6.85 -3.70 10.78
CA ASN B 70 6.16 -4.50 9.79
C ASN B 70 5.80 -3.64 8.58
N PHE B 71 4.79 -4.04 7.82
CA PHE B 71 4.38 -3.25 6.67
C PHE B 71 3.04 -3.69 6.09
N VAL B 72 2.52 -2.85 5.21
CA VAL B 72 1.25 -3.09 4.57
C VAL B 72 1.35 -2.85 3.06
N VAL B 73 0.80 -3.75 2.26
CA VAL B 73 0.85 -3.59 0.84
C VAL B 73 0.01 -2.38 0.43
N VAL B 74 0.31 -1.84 -0.73
CA VAL B 74 -0.41 -0.69 -1.26
C VAL B 74 -1.02 -1.03 -2.62
N MET B 75 -2.34 -1.13 -2.65
CA MET B 75 -3.07 -1.45 -3.87
C MET B 75 -4.03 -0.32 -4.22
N VAL B 76 -4.18 -0.05 -5.51
CA VAL B 76 -5.07 1.02 -5.95
C VAL B 76 -5.72 0.71 -7.29
N THR B 77 -7.03 0.50 -7.28
CA THR B 77 -7.77 0.20 -8.51
C THR B 77 -8.03 1.48 -9.30
N LYS B 78 -8.54 1.32 -10.51
CA LYS B 78 -8.83 2.45 -11.38
C LYS B 78 -10.08 2.20 -12.22
N PHE A 8 13.83 -5.20 -19.52
CA PHE A 8 14.05 -6.63 -19.37
C PHE A 8 12.77 -7.41 -19.66
N GLY A 9 12.69 -7.96 -20.87
CA GLY A 9 11.51 -8.72 -21.26
C GLY A 9 10.22 -8.03 -20.87
N ARG A 10 10.13 -6.75 -21.20
CA ARG A 10 8.93 -5.96 -20.88
C ARG A 10 7.77 -6.37 -21.78
N THR A 11 8.10 -6.92 -22.94
CA THR A 11 7.07 -7.36 -23.90
C THR A 11 6.38 -8.63 -23.41
N GLY A 12 6.89 -9.20 -22.33
CA GLY A 12 6.32 -10.41 -21.79
C GLY A 12 5.91 -10.27 -20.33
N LEU A 13 6.11 -9.08 -19.77
CA LEU A 13 5.78 -8.82 -18.38
C LEU A 13 4.51 -7.99 -18.28
N PRO A 14 3.85 -8.05 -17.12
CA PRO A 14 2.62 -7.29 -16.87
C PRO A 14 2.80 -5.79 -17.02
N ASP A 15 1.72 -5.05 -16.84
CA ASP A 15 1.74 -3.61 -16.96
C ASP A 15 0.87 -2.97 -15.89
N LEU A 16 1.29 -3.10 -14.65
CA LEU A 16 0.54 -2.56 -13.51
C LEU A 16 -0.09 -1.23 -13.87
N SER A 17 0.53 -0.50 -14.78
CA SER A 17 0.00 0.79 -15.22
C SER A 17 -1.08 0.59 -16.27
N SER A 18 -1.87 -0.48 -16.08
CA SER A 18 -2.94 -0.83 -17.00
C SER A 18 -3.80 -1.95 -16.41
N MET A 19 -3.18 -2.86 -15.66
CA MET A 19 -3.89 -3.96 -15.02
C MET A 19 -4.45 -3.49 -13.69
N THR A 20 -3.85 -2.40 -13.23
CA THR A 20 -4.22 -1.75 -11.99
C THR A 20 -5.05 -2.62 -11.06
N GLU A 21 -6.36 -2.38 -11.02
CA GLU A 21 -7.26 -3.12 -10.15
C GLU A 21 -6.80 -4.54 -9.86
N GLU A 22 -6.76 -5.37 -10.89
CA GLU A 22 -6.38 -6.78 -10.73
C GLU A 22 -4.89 -6.96 -10.44
N GLU A 23 -4.07 -6.04 -10.92
CA GLU A 23 -2.62 -6.15 -10.71
C GLU A 23 -2.21 -5.72 -9.30
N GLN A 24 -3.00 -4.85 -8.72
CA GLN A 24 -2.74 -4.33 -7.39
C GLN A 24 -3.49 -5.11 -6.35
N ILE A 25 -4.52 -5.83 -6.77
CA ILE A 25 -5.29 -6.64 -5.86
C ILE A 25 -4.65 -8.01 -5.79
N ALA A 26 -4.11 -8.39 -6.94
CA ALA A 26 -3.43 -9.66 -7.09
C ALA A 26 -2.05 -9.58 -6.46
N TYR A 27 -1.36 -8.48 -6.79
CA TYR A 27 -0.02 -8.25 -6.25
C TYR A 27 -0.11 -7.85 -4.78
N ALA A 28 -1.19 -7.17 -4.41
CA ALA A 28 -1.38 -6.74 -3.04
C ALA A 28 -1.64 -7.91 -2.12
N MET A 29 -2.43 -8.87 -2.58
CA MET A 29 -2.73 -10.02 -1.74
C MET A 29 -1.47 -10.87 -1.55
N GLN A 30 -0.85 -11.22 -2.67
CA GLN A 30 0.36 -12.02 -2.65
C GLN A 30 1.37 -11.47 -1.64
N MET A 31 1.65 -10.18 -1.73
CA MET A 31 2.60 -9.55 -0.81
C MET A 31 1.90 -9.02 0.44
N SER A 32 0.58 -9.08 0.44
CA SER A 32 -0.21 -8.62 1.58
C SER A 32 0.10 -9.48 2.77
N LEU A 33 0.26 -10.76 2.50
CA LEU A 33 0.56 -11.72 3.55
C LEU A 33 2.07 -11.77 3.80
N GLN A 34 2.76 -10.65 3.60
CA GLN A 34 4.20 -10.60 3.83
C GLN A 34 4.50 -10.16 5.25
N GLY A 35 3.46 -9.88 6.03
CA GLY A 35 3.63 -9.44 7.40
C GLY A 35 3.89 -10.60 8.34
N ALA A 36 2.91 -11.49 8.48
CA ALA A 36 3.03 -12.64 9.36
C ALA A 36 4.45 -13.18 9.35
N GLU A 37 4.90 -13.64 8.18
CA GLU A 37 6.25 -14.18 8.03
C GLU A 37 6.57 -15.13 9.17
N PHE A 38 5.91 -16.28 9.18
CA PHE A 38 6.14 -17.28 10.22
C PHE A 38 7.52 -17.90 10.09
N GLY A 39 8.04 -17.95 8.87
CA GLY A 39 9.34 -18.52 8.63
C GLY A 39 10.47 -17.59 9.05
N MET B 1 5.58 14.79 16.15
CA MET B 1 4.96 15.32 14.90
C MET B 1 4.22 14.21 14.15
N ALA B 2 4.86 13.05 14.03
CA ALA B 2 4.25 11.92 13.34
C ALA B 2 5.13 10.68 13.45
N VAL B 3 4.60 9.55 13.00
CA VAL B 3 5.34 8.29 13.05
C VAL B 3 5.83 7.89 11.66
N THR B 4 6.17 6.61 11.48
CA THR B 4 6.67 6.14 10.19
C THR B 4 5.96 4.84 9.71
N ILE B 5 4.88 4.93 8.90
CA ILE B 5 4.19 3.74 8.41
C ILE B 5 5.14 2.85 7.57
N THR B 6 4.66 1.65 7.23
CA THR B 6 5.42 0.70 6.40
C THR B 6 4.50 0.07 5.37
N LEU B 7 4.81 0.28 4.08
CA LEU B 7 3.98 -0.26 3.00
C LEU B 7 4.76 -1.22 2.09
N LYS B 8 4.04 -2.01 1.30
CA LYS B 8 4.65 -2.95 0.36
C LYS B 8 4.07 -2.75 -1.03
N THR B 9 4.88 -2.25 -1.96
CA THR B 9 4.35 -2.05 -3.31
C THR B 9 4.25 -3.38 -4.06
N LEU B 10 3.44 -3.41 -5.12
CA LEU B 10 3.23 -4.63 -5.89
C LEU B 10 4.51 -5.20 -6.54
N GLN B 11 5.51 -4.36 -6.84
CA GLN B 11 6.74 -4.83 -7.47
C GLN B 11 7.71 -5.37 -6.41
N GLN B 12 7.35 -5.24 -5.12
CA GLN B 12 8.19 -5.68 -4.00
C GLN B 12 8.84 -4.48 -3.31
N GLN B 13 8.84 -3.32 -3.99
CA GLN B 13 9.42 -2.12 -3.41
C GLN B 13 8.90 -1.89 -2.00
N THR B 14 9.59 -2.45 -1.03
CA THR B 14 9.20 -2.29 0.36
C THR B 14 9.69 -0.94 0.88
N PHE B 15 8.77 -0.06 1.20
CA PHE B 15 9.14 1.27 1.68
C PHE B 15 8.29 1.67 2.87
N LYS B 16 8.37 2.94 3.26
CA LYS B 16 7.61 3.44 4.39
C LYS B 16 7.10 4.86 4.11
N ILE B 17 6.14 5.32 4.90
CA ILE B 17 5.59 6.66 4.72
C ILE B 17 5.41 7.33 6.10
N ARG B 18 6.03 8.51 6.38
CA ARG B 18 5.86 9.17 7.68
C ARG B 18 4.52 8.80 8.30
N MET B 19 3.47 9.41 7.77
CA MET B 19 2.11 9.11 8.22
C MET B 19 1.81 9.63 9.63
N GLU B 20 0.57 9.42 10.02
CA GLU B 20 0.09 9.81 11.35
C GLU B 20 -0.90 8.75 11.82
N PRO B 21 -0.60 8.08 12.93
CA PRO B 21 -1.45 7.01 13.47
C PRO B 21 -2.93 7.39 13.50
N ASP B 22 -3.23 8.64 13.83
CA ASP B 22 -4.61 9.10 13.91
C ASP B 22 -5.21 9.36 12.53
N GLU B 23 -4.39 9.74 11.56
CA GLU B 23 -4.89 10.02 10.21
C GLU B 23 -5.76 8.87 9.72
N THR B 24 -6.42 9.10 8.58
CA THR B 24 -7.30 8.09 8.00
C THR B 24 -6.66 7.38 6.82
N VAL B 25 -5.35 7.18 6.89
CA VAL B 25 -4.59 6.51 5.85
C VAL B 25 -4.75 7.17 4.45
N LYS B 26 -5.62 8.20 4.31
CA LYS B 26 -5.80 8.87 3.02
C LYS B 26 -4.60 9.75 2.68
N VAL B 27 -4.16 10.55 3.66
CA VAL B 27 -3.01 11.42 3.46
C VAL B 27 -1.86 10.57 2.99
N LEU B 28 -1.79 9.36 3.53
CA LEU B 28 -0.79 8.41 3.14
C LEU B 28 -0.88 8.19 1.67
N LYS B 29 -2.11 7.99 1.22
CA LYS B 29 -2.37 7.76 -0.19
C LYS B 29 -1.78 8.89 -1.01
N GLU B 30 -1.77 10.08 -0.43
CA GLU B 30 -1.21 11.23 -1.10
C GLU B 30 0.30 11.02 -1.28
N LYS B 31 0.96 10.50 -0.24
CA LYS B 31 2.40 10.24 -0.30
C LYS B 31 2.73 9.11 -1.25
N ILE B 32 2.31 7.91 -0.88
CA ILE B 32 2.55 6.71 -1.68
C ILE B 32 2.16 6.94 -3.14
N GLU B 33 0.98 7.52 -3.34
CA GLU B 33 0.50 7.81 -4.68
C GLU B 33 1.45 8.77 -5.37
N ALA B 34 2.01 9.69 -4.59
CA ALA B 34 2.95 10.66 -5.13
C ALA B 34 4.26 9.99 -5.52
N GLU B 35 4.52 8.85 -4.90
CA GLU B 35 5.74 8.09 -5.16
C GLU B 35 5.60 7.20 -6.39
N LYS B 36 4.45 6.57 -6.55
CA LYS B 36 4.21 5.68 -7.68
C LYS B 36 3.49 6.38 -8.82
N GLY B 37 2.31 6.92 -8.53
CA GLY B 37 1.54 7.59 -9.55
C GLY B 37 0.06 7.71 -9.21
N ARG B 38 -0.61 8.66 -9.85
CA ARG B 38 -2.04 8.87 -9.62
C ARG B 38 -2.85 7.92 -10.48
N ASP B 39 -2.16 7.04 -11.19
CA ASP B 39 -2.81 6.06 -12.06
C ASP B 39 -2.69 4.68 -11.44
N ALA B 40 -1.52 4.40 -10.87
CA ALA B 40 -1.25 3.12 -10.24
C ALA B 40 -1.79 3.09 -8.80
N PHE B 41 -1.56 4.16 -8.05
CA PHE B 41 -2.09 4.22 -6.66
C PHE B 41 -2.89 5.50 -6.43
N PRO B 42 -3.87 5.78 -7.30
CA PRO B 42 -4.72 6.96 -7.17
C PRO B 42 -5.40 7.00 -5.80
N VAL B 43 -5.08 8.04 -5.03
CA VAL B 43 -5.63 8.21 -3.68
C VAL B 43 -7.03 7.61 -3.56
N ALA B 44 -7.85 7.82 -4.58
CA ALA B 44 -9.21 7.29 -4.58
C ALA B 44 -9.24 5.81 -4.23
N GLY B 45 -8.64 4.98 -5.09
CA GLY B 45 -8.63 3.55 -4.86
C GLY B 45 -7.50 3.10 -3.95
N GLN B 46 -6.80 4.05 -3.37
CA GLN B 46 -5.69 3.73 -2.49
C GLN B 46 -6.15 2.94 -1.26
N LYS B 47 -5.47 1.82 -1.02
CA LYS B 47 -5.76 0.95 0.11
C LYS B 47 -4.50 0.15 0.45
N LEU B 48 -4.58 -0.72 1.47
CA LEU B 48 -3.41 -1.52 1.86
C LEU B 48 -3.83 -2.77 2.63
N ILE B 49 -3.03 -3.84 2.52
CA ILE B 49 -3.37 -5.07 3.23
C ILE B 49 -2.47 -5.27 4.43
N TYR B 50 -3.09 -5.24 5.60
CA TYR B 50 -2.36 -5.43 6.84
C TYR B 50 -2.90 -6.65 7.57
N ALA B 51 -2.26 -7.80 7.37
CA ALA B 51 -2.70 -9.01 8.03
C ALA B 51 -4.03 -9.48 7.43
N GLY B 52 -4.23 -9.16 6.16
CA GLY B 52 -5.47 -9.54 5.49
C GLY B 52 -6.53 -8.47 5.67
N LYS B 53 -6.22 -7.47 6.48
CA LYS B 53 -7.14 -6.37 6.76
C LYS B 53 -6.98 -5.24 5.72
N ILE B 54 -7.87 -5.12 4.72
CA ILE B 54 -7.75 -4.05 3.75
C ILE B 54 -8.10 -2.71 4.41
N LEU B 55 -7.25 -1.70 4.17
CA LEU B 55 -7.46 -0.37 4.71
C LEU B 55 -7.67 0.62 3.58
N SER B 56 -8.83 1.26 3.57
CA SER B 56 -9.13 2.23 2.53
C SER B 56 -8.70 3.63 2.97
N ASP B 57 -8.41 4.53 2.03
CA ASP B 57 -7.97 5.88 2.38
C ASP B 57 -8.91 6.59 3.38
N ASP B 58 -10.13 6.08 3.58
CA ASP B 58 -11.05 6.74 4.51
C ASP B 58 -11.15 5.99 5.84
N VAL B 59 -10.12 5.23 6.18
CA VAL B 59 -10.07 4.49 7.44
C VAL B 59 -8.86 4.95 8.23
N PRO B 60 -8.81 4.73 9.54
CA PRO B 60 -7.68 5.15 10.36
C PRO B 60 -6.49 4.20 10.24
N ILE B 61 -5.34 4.76 9.89
CA ILE B 61 -4.12 3.98 9.74
C ILE B 61 -3.81 3.27 11.05
N ARG B 62 -4.13 3.94 12.16
CA ARG B 62 -3.91 3.38 13.48
C ARG B 62 -4.77 2.15 13.69
N ASP B 63 -5.93 2.14 13.04
CA ASP B 63 -6.85 1.03 13.13
C ASP B 63 -6.21 -0.23 12.54
N TYR B 64 -5.21 -0.02 11.68
CA TYR B 64 -4.51 -1.14 11.05
C TYR B 64 -3.09 -1.26 11.57
N ARG B 65 -2.87 -0.74 12.78
CA ARG B 65 -1.57 -0.78 13.44
C ARG B 65 -0.43 -1.07 12.46
N ILE B 66 -0.32 -0.26 11.41
CA ILE B 66 0.74 -0.44 10.43
C ILE B 66 2.05 0.06 11.02
N ASP B 67 2.77 -0.83 11.68
CA ASP B 67 4.02 -0.49 12.35
C ASP B 67 5.20 -0.42 11.38
N GLU B 68 6.32 0.11 11.89
CA GLU B 68 7.54 0.25 11.09
C GLU B 68 8.12 -1.10 10.72
N LYS B 69 8.14 -2.02 11.67
CA LYS B 69 8.67 -3.35 11.44
C LYS B 69 7.73 -4.16 10.56
N ASN B 70 6.45 -3.78 10.54
CA ASN B 70 5.47 -4.49 9.73
C ASN B 70 4.86 -3.61 8.65
N PHE B 71 5.16 -3.96 7.40
CA PHE B 71 4.63 -3.23 6.25
C PHE B 71 3.19 -3.62 5.95
N VAL B 72 2.61 -2.89 5.03
CA VAL B 72 1.24 -3.11 4.60
C VAL B 72 1.14 -2.81 3.10
N VAL B 73 0.95 -3.84 2.29
CA VAL B 73 0.89 -3.69 0.86
C VAL B 73 -0.02 -2.54 0.46
N VAL B 74 0.26 -1.99 -0.71
CA VAL B 74 -0.49 -0.86 -1.25
C VAL B 74 -1.24 -1.28 -2.53
N MET B 75 -2.57 -1.32 -2.45
CA MET B 75 -3.41 -1.71 -3.58
C MET B 75 -4.33 -0.57 -4.01
N VAL B 76 -4.44 -0.36 -5.31
CA VAL B 76 -5.30 0.69 -5.84
C VAL B 76 -5.83 0.32 -7.23
N THR B 77 -7.00 0.85 -7.56
CA THR B 77 -7.61 0.58 -8.85
C THR B 77 -8.02 1.88 -9.54
N LYS B 78 -7.85 1.92 -10.87
CA LYS B 78 -8.19 3.10 -11.64
C LYS B 78 -9.58 3.61 -11.28
N PHE A 8 6.57 -14.51 -25.43
CA PHE A 8 7.42 -13.86 -26.41
C PHE A 8 7.40 -12.34 -26.23
N GLY A 9 6.39 -11.85 -25.51
CA GLY A 9 6.27 -10.43 -25.27
C GLY A 9 6.41 -10.07 -23.81
N ARG A 10 7.07 -10.93 -23.05
CA ARG A 10 7.25 -10.71 -21.62
C ARG A 10 5.92 -10.57 -20.91
N THR A 11 5.07 -11.59 -21.06
CA THR A 11 3.75 -11.58 -20.43
C THR A 11 2.96 -10.34 -20.84
N GLY A 12 3.39 -9.70 -21.92
CA GLY A 12 2.71 -8.51 -22.40
C GLY A 12 2.93 -7.32 -21.50
N LEU A 13 4.19 -7.12 -21.08
CA LEU A 13 4.54 -6.01 -20.20
C LEU A 13 3.39 -5.67 -19.26
N PRO A 14 3.39 -6.28 -18.06
CA PRO A 14 2.35 -6.04 -17.06
C PRO A 14 2.15 -4.56 -16.76
N ASP A 15 3.26 -3.85 -16.61
CA ASP A 15 3.22 -2.42 -16.32
C ASP A 15 2.21 -2.11 -15.23
N LEU A 16 1.94 -3.11 -14.39
CA LEU A 16 1.01 -3.01 -13.29
C LEU A 16 -0.08 -1.99 -13.55
N SER A 17 0.27 -0.73 -13.45
CA SER A 17 -0.69 0.35 -13.70
C SER A 17 -1.72 -0.06 -14.75
N SER A 18 -1.25 -0.84 -15.72
CA SER A 18 -2.11 -1.34 -16.79
C SER A 18 -3.16 -2.30 -16.24
N MET A 19 -2.72 -3.36 -15.58
CA MET A 19 -3.64 -4.33 -14.98
C MET A 19 -4.22 -3.74 -13.69
N THR A 20 -3.67 -2.58 -13.35
CA THR A 20 -4.08 -1.80 -12.19
C THR A 20 -4.81 -2.60 -11.12
N GLU A 21 -6.10 -2.84 -11.35
CA GLU A 21 -6.92 -3.54 -10.39
C GLU A 21 -6.44 -4.96 -10.14
N GLU A 22 -6.39 -5.77 -11.18
CA GLU A 22 -5.99 -7.16 -11.04
C GLU A 22 -4.51 -7.31 -10.70
N GLU A 23 -3.68 -6.39 -11.15
CA GLU A 23 -2.25 -6.44 -10.89
C GLU A 23 -1.93 -5.99 -9.47
N GLN A 24 -2.71 -5.03 -9.01
CA GLN A 24 -2.51 -4.48 -7.68
C GLN A 24 -3.30 -5.25 -6.64
N ILE A 25 -4.28 -6.04 -7.07
CA ILE A 25 -5.09 -6.83 -6.17
C ILE A 25 -4.48 -8.21 -6.04
N ALA A 26 -3.92 -8.66 -7.15
CA ALA A 26 -3.27 -9.94 -7.25
C ALA A 26 -1.93 -9.87 -6.55
N TYR A 27 -1.21 -8.80 -6.86
CA TYR A 27 0.08 -8.55 -6.27
C TYR A 27 -0.08 -8.14 -4.81
N ALA A 28 -1.08 -7.29 -4.55
CA ALA A 28 -1.33 -6.82 -3.19
C ALA A 28 -1.61 -7.96 -2.25
N MET A 29 -2.43 -8.91 -2.66
CA MET A 29 -2.75 -10.02 -1.78
C MET A 29 -1.50 -10.87 -1.53
N GLN A 30 -0.88 -11.30 -2.64
CA GLN A 30 0.32 -12.14 -2.58
C GLN A 30 1.33 -11.65 -1.53
N MET A 31 1.54 -10.34 -1.47
CA MET A 31 2.49 -9.77 -0.52
C MET A 31 1.78 -9.18 0.69
N SER A 32 0.47 -9.08 0.57
CA SER A 32 -0.36 -8.55 1.64
C SER A 32 -0.21 -9.42 2.84
N LEU A 33 0.04 -10.68 2.58
CA LEU A 33 0.21 -11.66 3.63
C LEU A 33 1.67 -11.66 4.11
N GLN A 34 2.27 -10.48 4.21
CA GLN A 34 3.65 -10.34 4.66
C GLN A 34 3.98 -11.41 5.70
N GLY A 35 2.97 -11.81 6.47
CA GLY A 35 3.17 -12.81 7.49
C GLY A 35 2.30 -12.60 8.71
N ALA A 36 1.00 -12.79 8.54
CA ALA A 36 0.05 -12.61 9.64
C ALA A 36 -0.52 -13.95 10.09
N GLU A 37 0.28 -15.00 9.95
CA GLU A 37 -0.15 -16.34 10.35
C GLU A 37 0.69 -16.86 11.51
N PHE A 38 1.39 -15.95 12.18
CA PHE A 38 2.23 -16.31 13.32
C PHE A 38 2.60 -15.08 14.15
N GLY A 39 1.69 -14.68 15.03
CA GLY A 39 1.94 -13.53 15.87
C GLY A 39 0.80 -12.52 15.83
N MET B 1 5.98 16.07 13.29
CA MET B 1 6.21 15.27 14.52
C MET B 1 5.28 14.05 14.57
N ALA B 2 5.16 13.37 13.44
CA ALA B 2 4.30 12.18 13.34
C ALA B 2 5.13 10.90 13.43
N VAL B 3 4.47 9.77 13.27
CA VAL B 3 5.13 8.48 13.33
C VAL B 3 5.56 8.03 11.93
N THR B 4 5.84 6.75 11.77
CA THR B 4 6.25 6.23 10.47
C THR B 4 5.36 5.06 10.05
N ILE B 5 5.28 4.78 8.75
CA ILE B 5 4.49 3.67 8.25
C ILE B 5 5.36 2.82 7.32
N THR B 6 4.99 1.56 7.15
CA THR B 6 5.73 0.65 6.29
C THR B 6 4.72 -0.01 5.34
N LEU B 7 5.12 -0.23 4.09
CA LEU B 7 4.20 -0.81 3.11
C LEU B 7 4.92 -1.60 2.01
N LYS B 8 4.11 -2.33 1.23
CA LYS B 8 4.64 -3.14 0.14
C LYS B 8 3.85 -2.85 -1.14
N THR B 9 4.46 -2.12 -2.03
CA THR B 9 3.81 -1.76 -3.30
C THR B 9 3.85 -2.91 -4.31
N LEU B 10 2.83 -3.79 -4.33
CA LEU B 10 2.72 -4.93 -5.25
C LEU B 10 3.89 -5.08 -6.24
N GLN B 11 4.28 -4.01 -6.95
CA GLN B 11 5.38 -4.06 -7.90
C GLN B 11 6.67 -4.63 -7.28
N GLN B 12 6.70 -4.84 -5.94
CA GLN B 12 7.88 -5.37 -5.25
C GLN B 12 8.65 -4.26 -4.51
N GLN B 13 8.27 -2.98 -4.70
CA GLN B 13 8.97 -1.90 -4.03
C GLN B 13 8.50 -1.72 -2.59
N THR B 14 9.31 -2.18 -1.64
CA THR B 14 8.99 -2.04 -0.24
C THR B 14 9.52 -0.70 0.28
N PHE B 15 8.65 0.12 0.83
CA PHE B 15 9.08 1.42 1.33
C PHE B 15 8.31 1.83 2.58
N LYS B 16 8.36 3.11 2.94
CA LYS B 16 7.66 3.59 4.12
C LYS B 16 7.14 5.02 3.89
N ILE B 17 6.24 5.47 4.78
CA ILE B 17 5.67 6.81 4.67
C ILE B 17 5.50 7.43 6.08
N ARG B 18 5.98 8.67 6.34
CA ARG B 18 5.83 9.27 7.67
C ARG B 18 4.51 8.85 8.30
N MET B 19 3.43 9.44 7.81
CA MET B 19 2.10 9.10 8.28
C MET B 19 1.82 9.59 9.70
N GLU B 20 0.59 9.34 10.14
CA GLU B 20 0.13 9.71 11.47
C GLU B 20 -0.83 8.64 11.97
N PRO B 21 -0.55 8.05 13.13
CA PRO B 21 -1.38 6.99 13.70
C PRO B 21 -2.87 7.34 13.70
N ASP B 22 -3.19 8.59 14.00
CA ASP B 22 -4.58 9.03 14.05
C ASP B 22 -5.14 9.33 12.67
N GLU B 23 -4.27 9.64 11.71
CA GLU B 23 -4.73 9.94 10.36
C GLU B 23 -5.64 8.84 9.84
N THR B 24 -6.29 9.09 8.71
CA THR B 24 -7.19 8.12 8.11
C THR B 24 -6.57 7.43 6.91
N VAL B 25 -5.26 7.18 6.98
CA VAL B 25 -4.52 6.56 5.90
C VAL B 25 -4.72 7.26 4.53
N LYS B 26 -5.54 8.34 4.46
CA LYS B 26 -5.74 9.05 3.19
C LYS B 26 -4.54 9.92 2.86
N VAL B 27 -4.07 10.67 3.86
CA VAL B 27 -2.91 11.53 3.66
C VAL B 27 -1.78 10.67 3.13
N LEU B 28 -1.74 9.44 3.64
CA LEU B 28 -0.77 8.48 3.20
C LEU B 28 -0.93 8.27 1.72
N LYS B 29 -2.17 8.12 1.31
CA LYS B 29 -2.46 7.91 -0.10
C LYS B 29 -1.86 9.03 -0.93
N GLU B 30 -1.83 10.22 -0.36
CA GLU B 30 -1.26 11.37 -1.03
C GLU B 30 0.25 11.21 -1.21
N LYS B 31 0.92 10.65 -0.18
CA LYS B 31 2.37 10.47 -0.24
C LYS B 31 2.79 9.30 -1.14
N ILE B 32 2.10 8.17 -0.98
CA ILE B 32 2.40 6.97 -1.75
C ILE B 32 2.00 7.15 -3.20
N GLU B 33 0.95 7.94 -3.42
CA GLU B 33 0.47 8.21 -4.78
C GLU B 33 1.43 9.15 -5.48
N ALA B 34 1.90 10.16 -4.75
CA ALA B 34 2.84 11.12 -5.31
C ALA B 34 4.20 10.49 -5.54
N GLU B 35 4.48 9.44 -4.78
CA GLU B 35 5.76 8.74 -4.85
C GLU B 35 5.75 7.67 -5.96
N LYS B 36 4.61 6.99 -6.13
CA LYS B 36 4.49 5.94 -7.12
C LYS B 36 3.82 6.44 -8.41
N GLY B 37 2.60 6.97 -8.28
CA GLY B 37 1.90 7.46 -9.45
C GLY B 37 0.43 7.72 -9.17
N ARG B 38 -0.17 8.61 -9.97
CA ARG B 38 -1.57 8.94 -9.81
C ARG B 38 -2.44 7.95 -10.59
N ASP B 39 -1.81 6.93 -11.15
CA ASP B 39 -2.52 5.91 -11.91
C ASP B 39 -2.39 4.57 -11.20
N ALA B 40 -1.18 4.27 -10.75
CA ALA B 40 -0.90 3.03 -10.05
C ALA B 40 -1.20 3.17 -8.55
N PHE B 41 -1.50 4.40 -8.07
CA PHE B 41 -1.80 4.59 -6.65
C PHE B 41 -2.69 5.82 -6.42
N PRO B 42 -3.67 6.06 -7.30
CA PRO B 42 -4.57 7.20 -7.16
C PRO B 42 -5.18 7.25 -5.75
N VAL B 43 -4.93 8.34 -5.04
CA VAL B 43 -5.41 8.51 -3.68
C VAL B 43 -6.76 7.82 -3.47
N ALA B 44 -7.61 7.89 -4.48
CA ALA B 44 -8.93 7.28 -4.41
C ALA B 44 -8.84 5.77 -4.12
N GLY B 45 -8.51 5.00 -5.13
CA GLY B 45 -8.41 3.56 -4.98
C GLY B 45 -7.35 3.12 -3.98
N GLN B 46 -6.52 4.06 -3.55
CA GLN B 46 -5.47 3.74 -2.58
C GLN B 46 -5.99 2.93 -1.40
N LYS B 47 -5.34 1.81 -1.15
CA LYS B 47 -5.69 0.90 -0.06
C LYS B 47 -4.45 0.08 0.33
N LEU B 48 -4.54 -0.66 1.44
CA LEU B 48 -3.40 -1.47 1.89
C LEU B 48 -3.87 -2.70 2.66
N ILE B 49 -3.20 -3.82 2.49
CA ILE B 49 -3.58 -5.02 3.21
C ILE B 49 -2.67 -5.25 4.40
N TYR B 50 -3.26 -5.24 5.58
CA TYR B 50 -2.49 -5.45 6.79
C TYR B 50 -3.05 -6.62 7.59
N ALA B 51 -2.35 -7.75 7.53
CA ALA B 51 -2.80 -8.93 8.25
C ALA B 51 -4.08 -9.47 7.65
N GLY B 52 -4.19 -9.37 6.33
CA GLY B 52 -5.38 -9.85 5.66
C GLY B 52 -6.46 -8.78 5.63
N LYS B 53 -6.29 -7.74 6.45
CA LYS B 53 -7.24 -6.65 6.51
C LYS B 53 -7.04 -5.71 5.32
N ILE B 54 -7.99 -4.80 5.12
CA ILE B 54 -7.89 -3.84 4.03
C ILE B 54 -8.16 -2.43 4.58
N LEU B 55 -7.21 -1.52 4.38
CA LEU B 55 -7.35 -0.15 4.86
C LEU B 55 -7.44 0.81 3.68
N SER B 56 -8.60 1.41 3.52
CA SER B 56 -8.84 2.35 2.44
C SER B 56 -8.43 3.76 2.88
N ASP B 57 -8.13 4.65 1.93
CA ASP B 57 -7.74 6.02 2.28
C ASP B 57 -8.67 6.67 3.30
N ASP B 58 -9.90 6.17 3.43
CA ASP B 58 -10.84 6.78 4.38
C ASP B 58 -10.98 5.99 5.68
N VAL B 59 -9.94 5.27 6.06
CA VAL B 59 -9.93 4.50 7.30
C VAL B 59 -8.73 4.92 8.13
N PRO B 60 -8.71 4.66 9.44
CA PRO B 60 -7.58 5.05 10.28
C PRO B 60 -6.42 4.08 10.17
N ILE B 61 -5.24 4.61 9.84
CA ILE B 61 -4.03 3.81 9.69
C ILE B 61 -3.76 3.08 11.00
N ARG B 62 -4.08 3.74 12.11
CA ARG B 62 -3.89 3.16 13.43
C ARG B 62 -4.79 1.95 13.61
N ASP B 63 -5.94 1.99 12.95
CA ASP B 63 -6.89 0.90 13.02
C ASP B 63 -6.27 -0.37 12.44
N TYR B 64 -5.26 -0.19 11.59
CA TYR B 64 -4.57 -1.31 10.97
C TYR B 64 -3.14 -1.45 11.51
N ARG B 65 -2.92 -0.98 12.73
CA ARG B 65 -1.61 -1.04 13.37
C ARG B 65 -0.47 -1.21 12.36
N ILE B 66 -0.49 -0.41 11.31
CA ILE B 66 0.55 -0.47 10.29
C ILE B 66 1.86 0.05 10.88
N ASP B 67 2.60 -0.83 11.54
CA ASP B 67 3.85 -0.43 12.17
C ASP B 67 5.00 -0.36 11.18
N GLU B 68 6.00 0.44 11.54
CA GLU B 68 7.19 0.62 10.70
C GLU B 68 7.93 -0.71 10.54
N LYS B 69 7.80 -1.58 11.54
CA LYS B 69 8.45 -2.88 11.51
C LYS B 69 7.75 -3.81 10.52
N ASN B 70 6.48 -3.52 10.22
CA ASN B 70 5.70 -4.35 9.29
C ASN B 70 5.13 -3.51 8.16
N PHE B 71 5.27 -4.00 6.93
CA PHE B 71 4.75 -3.28 5.77
C PHE B 71 3.38 -3.80 5.34
N VAL B 72 2.51 -2.84 5.08
CA VAL B 72 1.17 -3.10 4.63
C VAL B 72 1.11 -2.91 3.12
N VAL B 73 0.84 -3.97 2.37
CA VAL B 73 0.77 -3.87 0.94
C VAL B 73 -0.16 -2.73 0.57
N VAL B 74 0.05 -2.15 -0.59
CA VAL B 74 -0.77 -1.03 -1.05
C VAL B 74 -1.40 -1.31 -2.42
N MET B 75 -2.71 -1.56 -2.42
CA MET B 75 -3.46 -1.83 -3.64
C MET B 75 -4.32 -0.63 -4.00
N VAL B 76 -4.49 -0.39 -5.29
CA VAL B 76 -5.30 0.73 -5.74
C VAL B 76 -6.14 0.37 -6.96
N THR B 77 -7.45 0.28 -6.75
CA THR B 77 -8.37 -0.06 -7.83
C THR B 77 -9.35 1.08 -8.08
N LYS B 78 -9.77 1.24 -9.33
CA LYS B 78 -10.70 2.29 -9.70
C LYS B 78 -11.98 2.20 -8.88
N PHE A 8 15.53 -1.92 -17.59
CA PHE A 8 14.86 -1.72 -16.30
C PHE A 8 13.60 -2.57 -16.21
N GLY A 9 13.59 -3.51 -15.28
CA GLY A 9 12.44 -4.37 -15.10
C GLY A 9 12.32 -5.43 -16.19
N ARG A 10 13.46 -5.76 -16.81
CA ARG A 10 13.48 -6.75 -17.87
C ARG A 10 13.07 -8.12 -17.35
N THR A 11 12.99 -8.25 -16.03
CA THR A 11 12.61 -9.51 -15.41
C THR A 11 11.09 -9.67 -15.37
N GLY A 12 10.50 -9.91 -16.53
CA GLY A 12 9.06 -10.08 -16.62
C GLY A 12 8.36 -8.82 -17.11
N LEU A 13 9.07 -7.70 -17.09
CA LEU A 13 8.50 -6.43 -17.53
C LEU A 13 7.09 -6.26 -17.00
N PRO A 14 6.95 -6.05 -15.68
CA PRO A 14 5.65 -5.86 -15.04
C PRO A 14 5.16 -4.42 -15.16
N ASP A 15 4.08 -4.25 -15.91
CA ASP A 15 3.49 -2.92 -16.11
C ASP A 15 2.29 -2.70 -15.19
N LEU A 16 2.54 -2.72 -13.89
CA LEU A 16 1.49 -2.52 -12.91
C LEU A 16 0.67 -1.29 -13.27
N SER A 17 1.28 -0.39 -14.02
CA SER A 17 0.61 0.82 -14.47
C SER A 17 -0.20 0.52 -15.73
N SER A 18 -0.79 -0.67 -15.73
CA SER A 18 -1.61 -1.14 -16.85
C SER A 18 -2.53 -2.25 -16.37
N MET A 19 -1.98 -3.18 -15.58
CA MET A 19 -2.76 -4.28 -15.02
C MET A 19 -3.43 -3.80 -13.74
N THR A 20 -2.87 -2.71 -13.20
CA THR A 20 -3.36 -2.07 -11.99
C THR A 20 -4.31 -2.95 -11.17
N GLU A 21 -5.59 -2.63 -11.19
CA GLU A 21 -6.61 -3.35 -10.42
C GLU A 21 -6.22 -4.79 -10.11
N GLU A 22 -6.17 -5.62 -11.13
CA GLU A 22 -5.86 -7.03 -10.95
C GLU A 22 -4.42 -7.28 -10.53
N GLU A 23 -3.52 -6.40 -10.96
CA GLU A 23 -2.11 -6.54 -10.64
C GLU A 23 -1.78 -6.12 -9.21
N GLN A 24 -2.58 -5.22 -8.67
CA GLN A 24 -2.36 -4.74 -7.33
C GLN A 24 -3.26 -5.45 -6.34
N ILE A 25 -4.26 -6.15 -6.85
CA ILE A 25 -5.15 -6.90 -6.01
C ILE A 25 -4.58 -8.30 -5.84
N ALA A 26 -3.93 -8.73 -6.90
CA ALA A 26 -3.27 -10.01 -6.98
C ALA A 26 -1.95 -9.92 -6.25
N TYR A 27 -1.19 -8.89 -6.60
CA TYR A 27 0.09 -8.65 -5.98
C TYR A 27 -0.11 -8.25 -4.54
N ALA A 28 -1.17 -7.49 -4.28
CA ALA A 28 -1.44 -7.05 -2.93
C ALA A 28 -1.68 -8.23 -2.02
N MET A 29 -2.61 -9.07 -2.38
CA MET A 29 -2.87 -10.20 -1.51
C MET A 29 -1.58 -10.99 -1.23
N GLN A 30 -0.78 -11.18 -2.27
CA GLN A 30 0.48 -11.93 -2.15
C GLN A 30 1.44 -11.35 -1.11
N MET A 31 1.87 -10.12 -1.34
CA MET A 31 2.82 -9.45 -0.43
C MET A 31 2.12 -8.94 0.81
N SER A 32 1.03 -8.22 0.59
CA SER A 32 0.26 -7.66 1.69
C SER A 32 0.08 -8.67 2.79
N LEU A 33 -0.06 -9.94 2.43
CA LEU A 33 -0.22 -10.99 3.43
C LEU A 33 1.12 -11.36 4.07
N GLN A 34 2.04 -10.39 4.18
CA GLN A 34 3.34 -10.65 4.79
C GLN A 34 3.35 -10.23 6.25
N GLY A 35 2.17 -10.16 6.85
CA GLY A 35 2.08 -9.77 8.24
C GLY A 35 0.82 -10.29 8.91
N ALA A 36 0.32 -11.43 8.43
CA ALA A 36 -0.89 -12.04 8.98
C ALA A 36 -0.53 -13.05 10.07
N GLU A 37 0.48 -13.87 9.80
CA GLU A 37 0.91 -14.89 10.75
C GLU A 37 0.10 -16.18 10.59
N PHE A 38 -1.05 -16.07 9.94
CA PHE A 38 -1.91 -17.23 9.71
C PHE A 38 -2.08 -18.03 11.00
N GLY A 39 -2.91 -17.54 11.90
CA GLY A 39 -3.13 -18.22 13.15
C GLY A 39 -4.07 -19.41 13.00
N MET B 1 6.97 14.44 15.39
CA MET B 1 7.04 14.43 13.90
C MET B 1 6.39 13.17 13.33
N ALA B 2 5.26 12.78 13.92
CA ALA B 2 4.54 11.59 13.46
C ALA B 2 5.44 10.37 13.47
N VAL B 3 4.85 9.21 13.19
CA VAL B 3 5.61 7.96 13.14
C VAL B 3 6.01 7.67 11.71
N THR B 4 6.49 6.46 11.44
CA THR B 4 6.91 6.10 10.09
C THR B 4 6.24 4.80 9.59
N ILE B 5 5.09 4.89 8.88
CA ILE B 5 4.44 3.70 8.35
C ILE B 5 5.41 2.95 7.42
N THR B 6 5.01 1.75 7.02
CA THR B 6 5.79 0.93 6.10
C THR B 6 4.83 0.16 5.21
N LEU B 7 5.05 0.19 3.89
CA LEU B 7 4.14 -0.48 2.98
C LEU B 7 4.87 -1.33 1.93
N LYS B 8 4.09 -2.09 1.20
CA LYS B 8 4.62 -2.94 0.14
C LYS B 8 3.86 -2.68 -1.15
N THR B 9 4.48 -1.94 -2.04
CA THR B 9 3.84 -1.61 -3.32
C THR B 9 3.87 -2.81 -4.26
N LEU B 10 2.86 -3.69 -4.21
CA LEU B 10 2.76 -4.89 -5.07
C LEU B 10 3.86 -5.01 -6.14
N GLN B 11 4.16 -3.93 -6.86
CA GLN B 11 5.20 -3.95 -7.88
C GLN B 11 6.54 -4.49 -7.35
N GLN B 12 6.64 -4.73 -6.02
CA GLN B 12 7.86 -5.25 -5.41
C GLN B 12 8.65 -4.15 -4.68
N GLN B 13 8.25 -2.88 -4.82
CA GLN B 13 8.97 -1.80 -4.15
C GLN B 13 8.56 -1.70 -2.69
N THR B 14 9.42 -2.21 -1.81
CA THR B 14 9.16 -2.16 -0.38
C THR B 14 9.71 -0.85 0.18
N PHE B 15 8.82 -0.03 0.73
CA PHE B 15 9.25 1.26 1.28
C PHE B 15 8.41 1.65 2.49
N LYS B 16 8.38 2.94 2.82
CA LYS B 16 7.62 3.41 3.96
C LYS B 16 7.12 4.85 3.76
N ILE B 17 6.19 5.29 4.61
CA ILE B 17 5.65 6.63 4.52
C ILE B 17 5.58 7.26 5.93
N ARG B 18 5.93 8.54 6.11
CA ARG B 18 5.87 9.14 7.44
C ARG B 18 4.61 8.67 8.17
N MET B 19 3.48 9.21 7.76
CA MET B 19 2.19 8.84 8.32
C MET B 19 2.04 9.24 9.78
N GLU B 20 0.85 8.97 10.31
CA GLU B 20 0.51 9.26 11.71
C GLU B 20 -0.54 8.26 12.18
N PRO B 21 -0.40 7.74 13.41
CA PRO B 21 -1.34 6.76 13.97
C PRO B 21 -2.75 7.31 14.20
N ASP B 22 -3.00 8.54 13.79
CA ASP B 22 -4.32 9.13 13.97
C ASP B 22 -4.98 9.49 12.64
N GLU B 23 -4.18 9.75 11.61
CA GLU B 23 -4.73 10.09 10.31
C GLU B 23 -5.61 8.94 9.82
N THR B 24 -6.26 9.14 8.67
CA THR B 24 -7.15 8.13 8.13
C THR B 24 -6.55 7.42 6.92
N VAL B 25 -5.23 7.21 6.95
CA VAL B 25 -4.53 6.53 5.87
C VAL B 25 -4.72 7.23 4.49
N LYS B 26 -5.59 8.25 4.39
CA LYS B 26 -5.77 8.97 3.13
C LYS B 26 -4.54 9.81 2.83
N VAL B 27 -4.06 10.50 3.86
CA VAL B 27 -2.86 11.31 3.76
C VAL B 27 -1.77 10.48 3.13
N LEU B 28 -1.70 9.25 3.62
CA LEU B 28 -0.75 8.30 3.14
C LEU B 28 -0.91 8.11 1.64
N LYS B 29 -2.16 7.99 1.24
CA LYS B 29 -2.47 7.80 -0.17
C LYS B 29 -1.88 8.94 -0.99
N GLU B 30 -1.83 10.12 -0.39
CA GLU B 30 -1.26 11.27 -1.06
C GLU B 30 0.23 11.05 -1.26
N LYS B 31 0.90 10.50 -0.24
CA LYS B 31 2.34 10.25 -0.31
C LYS B 31 2.66 9.13 -1.31
N ILE B 32 2.22 7.92 -0.98
CA ILE B 32 2.44 6.75 -1.81
C ILE B 32 2.05 7.02 -3.25
N GLU B 33 0.89 7.65 -3.43
CA GLU B 33 0.40 7.98 -4.77
C GLU B 33 1.37 8.96 -5.43
N ALA B 34 1.94 9.84 -4.62
CA ALA B 34 2.88 10.83 -5.13
C ALA B 34 4.18 10.16 -5.57
N GLU B 35 4.43 8.99 -5.00
CA GLU B 35 5.64 8.22 -5.31
C GLU B 35 5.46 7.36 -6.57
N LYS B 36 4.28 6.76 -6.72
CA LYS B 36 4.02 5.90 -7.86
C LYS B 36 3.28 6.63 -8.97
N GLY B 37 2.12 7.18 -8.66
CA GLY B 37 1.34 7.88 -9.66
C GLY B 37 -0.14 7.91 -9.37
N ARG B 38 -0.85 8.78 -10.06
CA ARG B 38 -2.30 8.91 -9.88
C ARG B 38 -3.06 7.82 -10.65
N ASP B 39 -2.30 6.94 -11.30
CA ASP B 39 -2.89 5.86 -12.06
C ASP B 39 -2.67 4.53 -11.34
N ALA B 40 -1.52 4.41 -10.68
CA ALA B 40 -1.18 3.20 -9.95
C ALA B 40 -1.76 3.21 -8.53
N PHE B 41 -1.66 4.35 -7.84
CA PHE B 41 -2.23 4.45 -6.48
C PHE B 41 -3.03 5.73 -6.29
N PRO B 42 -4.01 5.99 -7.17
CA PRO B 42 -4.85 7.19 -7.06
C PRO B 42 -5.55 7.26 -5.70
N VAL B 43 -5.12 8.20 -4.87
CA VAL B 43 -5.68 8.38 -3.53
C VAL B 43 -7.12 7.88 -3.43
N ALA B 44 -7.91 8.13 -4.47
CA ALA B 44 -9.29 7.71 -4.49
C ALA B 44 -9.43 6.21 -4.16
N GLY B 45 -8.85 5.37 -5.02
CA GLY B 45 -8.91 3.94 -4.81
C GLY B 45 -7.76 3.39 -4.01
N GLN B 46 -7.03 4.25 -3.33
CA GLN B 46 -5.90 3.81 -2.53
C GLN B 46 -6.37 2.94 -1.37
N LYS B 47 -5.74 1.76 -1.26
CA LYS B 47 -6.07 0.80 -0.22
C LYS B 47 -4.80 0.04 0.19
N LEU B 48 -4.90 -0.79 1.22
CA LEU B 48 -3.77 -1.57 1.70
C LEU B 48 -4.23 -2.80 2.44
N ILE B 49 -3.33 -3.75 2.64
CA ILE B 49 -3.71 -4.96 3.37
C ILE B 49 -2.82 -5.16 4.57
N TYR B 50 -3.43 -5.21 5.73
CA TYR B 50 -2.67 -5.41 6.95
C TYR B 50 -3.23 -6.59 7.73
N ALA B 51 -2.51 -7.69 7.73
CA ALA B 51 -2.95 -8.87 8.44
C ALA B 51 -4.17 -9.47 7.78
N GLY B 52 -4.23 -9.35 6.46
CA GLY B 52 -5.37 -9.85 5.72
C GLY B 52 -6.48 -8.83 5.62
N LYS B 53 -6.42 -7.83 6.51
CA LYS B 53 -7.41 -6.76 6.51
C LYS B 53 -7.19 -5.83 5.32
N ILE B 54 -8.16 -4.98 5.04
CA ILE B 54 -8.06 -4.04 3.94
C ILE B 54 -8.42 -2.64 4.44
N LEU B 55 -7.52 -1.68 4.25
CA LEU B 55 -7.73 -0.32 4.69
C LEU B 55 -7.95 0.60 3.51
N SER B 56 -8.97 1.44 3.62
CA SER B 56 -9.29 2.39 2.57
C SER B 56 -8.82 3.78 2.99
N ASP B 57 -8.45 4.65 2.04
CA ASP B 57 -7.98 6.00 2.39
C ASP B 57 -8.87 6.66 3.45
N ASP B 58 -10.11 6.20 3.62
CA ASP B 58 -11.01 6.82 4.59
C ASP B 58 -11.10 6.03 5.91
N VAL B 59 -10.03 5.33 6.27
CA VAL B 59 -9.99 4.58 7.52
C VAL B 59 -8.75 5.00 8.30
N PRO B 60 -8.68 4.73 9.61
CA PRO B 60 -7.52 5.13 10.40
C PRO B 60 -6.37 4.14 10.25
N ILE B 61 -5.20 4.66 9.90
CA ILE B 61 -4.01 3.86 9.71
C ILE B 61 -3.71 3.06 10.99
N ARG B 62 -3.98 3.70 12.13
CA ARG B 62 -3.75 3.09 13.42
C ARG B 62 -4.67 1.88 13.61
N ASP B 63 -5.83 1.95 12.97
CA ASP B 63 -6.79 0.86 13.05
C ASP B 63 -6.19 -0.40 12.43
N TYR B 64 -5.17 -0.21 11.60
CA TYR B 64 -4.50 -1.32 10.93
C TYR B 64 -3.07 -1.49 11.45
N ARG B 65 -2.85 -1.05 12.69
CA ARG B 65 -1.54 -1.15 13.34
C ARG B 65 -0.39 -1.30 12.35
N ILE B 66 -0.35 -0.42 11.35
CA ILE B 66 0.72 -0.45 10.36
C ILE B 66 2.00 0.10 10.96
N ASP B 67 2.82 -0.78 11.51
CA ASP B 67 4.07 -0.37 12.15
C ASP B 67 5.26 -0.59 11.23
N GLU B 68 6.34 0.16 11.47
CA GLU B 68 7.55 0.03 10.67
C GLU B 68 8.09 -1.39 10.72
N LYS B 69 8.12 -1.97 11.92
CA LYS B 69 8.59 -3.33 12.08
C LYS B 69 7.93 -4.23 11.04
N ASN B 70 6.74 -3.84 10.60
CA ASN B 70 6.00 -4.59 9.60
C ASN B 70 5.65 -3.68 8.43
N PHE B 71 4.55 -3.97 7.75
CA PHE B 71 4.12 -3.13 6.64
C PHE B 71 2.77 -3.55 6.09
N VAL B 72 2.24 -2.71 5.23
CA VAL B 72 0.95 -2.93 4.61
C VAL B 72 1.02 -2.64 3.11
N VAL B 73 0.64 -3.61 2.29
CA VAL B 73 0.66 -3.43 0.85
C VAL B 73 -0.28 -2.33 0.44
N VAL B 74 0.03 -1.70 -0.67
CA VAL B 74 -0.78 -0.61 -1.21
C VAL B 74 -1.41 -0.99 -2.54
N MET B 75 -2.71 -1.30 -2.53
CA MET B 75 -3.44 -1.71 -3.73
C MET B 75 -4.44 -0.63 -4.15
N VAL B 76 -4.55 -0.41 -5.45
CA VAL B 76 -5.48 0.58 -6.00
C VAL B 76 -5.93 0.19 -7.39
N THR B 77 -7.10 0.71 -7.80
CA THR B 77 -7.63 0.41 -9.12
C THR B 77 -7.75 1.68 -9.97
N LYS B 78 -7.37 1.58 -11.23
CA LYS B 78 -7.42 2.72 -12.14
C LYS B 78 -6.84 2.36 -13.50
#